data_1R8K
#
_entry.id   1R8K
#
_cell.length_a   119.954
_cell.length_b   119.954
_cell.length_c   55.541
_cell.angle_alpha   90.00
_cell.angle_beta   90.00
_cell.angle_gamma   90.00
#
_symmetry.space_group_name_H-M   'P 41'
#
loop_
_entity.id
_entity.type
_entity.pdbx_description
1 polymer '4-hydroxythreonine-4-phosphate dehydrogenase 1'
2 non-polymer 'COBALT (II) ION'
3 non-polymer 'CHLORIDE ION'
4 non-polymer 'SULFATE ION'
5 water water
#
_entity_poly.entity_id   1
_entity_poly.type   'polypeptide(L)'
_entity_poly.pdbx_seq_one_letter_code
;MSSAQRVVITPGEPAGSGPDLVVQLAQRAWPIELVVCADGALLTERAA(MSE)LGLPLSLLPYSPDVPAAPQPAGTLTLL
PVSLRAPAISGQLTVENGPYVVETLARACDGCLNGEFAALITGPVHKGVINDAGISFTGHTEFFEERSQAKKVV(MSE)
(MSE)LATEELRVALATTHLPLRAIADAITPALLHEVIAILHHDLRTKFGIAEPRILVCGLNPHAGEGGH(MSE)GTEEI
DTIIPVLDELRAQG(MSE)KLNGPLPADTLFQPKYLDNADAVLA(MSE)YHDQGLPVLKYQGFGRGVNITLGLPFIRTSV
DHGTALELAGRGKADVGSFITALNLAIK(MSE)IVNTQ
;
_entity_poly.pdbx_strand_id   A,B
#
# COMPACT_ATOMS: atom_id res chain seq x y z
N SER A 3 5.99 40.53 -11.27
CA SER A 3 6.84 40.04 -12.41
C SER A 3 6.12 38.84 -13.06
N ALA A 4 4.97 39.12 -13.71
CA ALA A 4 4.16 38.09 -14.36
C ALA A 4 4.96 36.98 -15.06
N GLN A 5 4.73 35.74 -14.65
CA GLN A 5 5.41 34.58 -15.24
C GLN A 5 4.45 33.81 -16.14
N ARG A 6 4.96 32.89 -16.94
CA ARG A 6 4.08 32.12 -17.80
C ARG A 6 4.18 30.63 -17.50
N VAL A 7 3.04 29.95 -17.43
CA VAL A 7 3.11 28.50 -17.27
C VAL A 7 2.39 27.94 -18.48
N VAL A 8 2.68 26.69 -18.83
CA VAL A 8 1.97 26.05 -19.95
C VAL A 8 1.18 24.88 -19.38
N ILE A 9 -0.07 24.77 -19.83
CA ILE A 9 -0.98 23.73 -19.40
C ILE A 9 -1.39 22.91 -20.62
N THR A 10 -1.34 21.59 -20.49
CA THR A 10 -1.76 20.73 -21.59
C THR A 10 -3.01 20.05 -21.04
N PRO A 11 -4.17 20.32 -21.64
CA PRO A 11 -5.43 19.70 -21.18
C PRO A 11 -5.41 18.16 -21.23
N GLY A 12 -4.70 17.60 -22.20
CA GLY A 12 -4.61 16.16 -22.31
C GLY A 12 -5.54 15.56 -23.35
N GLU A 13 -6.00 14.33 -23.13
CA GLU A 13 -6.90 13.65 -24.05
C GLU A 13 -8.09 14.55 -24.41
N PRO A 14 -8.20 14.94 -25.70
CA PRO A 14 -9.28 15.81 -26.15
C PRO A 14 -10.68 15.28 -25.91
N ALA A 15 -10.84 13.95 -25.93
CA ALA A 15 -12.14 13.34 -25.72
C ALA A 15 -12.45 13.21 -24.23
N GLY A 16 -11.44 13.37 -23.39
CA GLY A 16 -11.61 13.25 -21.96
C GLY A 16 -12.06 14.54 -21.27
N SER A 17 -11.90 14.59 -19.95
CA SER A 17 -12.33 15.74 -19.19
C SER A 17 -11.27 16.81 -18.95
N GLY A 18 -10.06 16.55 -19.45
CA GLY A 18 -8.99 17.52 -19.31
C GLY A 18 -9.40 18.87 -19.86
N PRO A 19 -9.98 18.93 -21.08
CA PRO A 19 -10.40 20.22 -21.63
C PRO A 19 -11.37 20.92 -20.69
N ASP A 20 -12.37 20.16 -20.21
CA ASP A 20 -13.37 20.68 -19.29
C ASP A 20 -12.72 21.30 -18.08
N LEU A 21 -11.80 20.58 -17.46
CA LEU A 21 -11.14 21.05 -16.26
C LEU A 21 -10.37 22.36 -16.46
N VAL A 22 -9.70 22.49 -17.60
CA VAL A 22 -8.96 23.71 -17.88
C VAL A 22 -9.94 24.86 -18.07
N VAL A 23 -11.09 24.58 -18.68
CA VAL A 23 -12.10 25.62 -18.87
C VAL A 23 -12.68 26.02 -17.52
N GLN A 24 -12.78 25.06 -16.60
CA GLN A 24 -13.29 25.34 -15.26
C GLN A 24 -12.29 26.19 -14.45
N LEU A 25 -11.02 25.84 -14.49
CA LEU A 25 -10.06 26.61 -13.72
C LEU A 25 -9.85 28.01 -14.33
N ALA A 26 -10.26 28.18 -15.58
CA ALA A 26 -10.12 29.47 -16.25
C ALA A 26 -11.20 30.45 -15.78
N GLN A 27 -12.17 29.94 -15.02
CA GLN A 27 -13.25 30.77 -14.52
C GLN A 27 -12.83 31.78 -13.44
N ARG A 28 -11.60 31.69 -12.96
CA ARG A 28 -11.10 32.63 -11.99
C ARG A 28 -9.78 33.19 -12.52
N ALA A 29 -9.38 34.36 -12.01
CA ALA A 29 -8.15 35.03 -12.42
C ALA A 29 -6.96 34.34 -11.77
N TRP A 30 -5.77 34.51 -12.34
CA TRP A 30 -4.55 33.90 -11.81
C TRP A 30 -3.39 34.90 -11.82
N PRO A 31 -2.48 34.80 -10.85
CA PRO A 31 -1.31 35.67 -10.74
C PRO A 31 -0.29 35.43 -11.85
N ILE A 32 -0.51 34.37 -12.62
CA ILE A 32 0.38 34.03 -13.72
C ILE A 32 -0.43 33.97 -15.00
N GLU A 33 0.28 33.92 -16.13
CA GLU A 33 -0.38 33.81 -17.41
C GLU A 33 -0.54 32.32 -17.69
N LEU A 34 -1.77 31.89 -17.97
CA LEU A 34 -1.96 30.46 -18.25
C LEU A 34 -1.94 30.18 -19.74
N VAL A 35 -0.81 29.72 -20.23
CA VAL A 35 -0.70 29.38 -21.65
C VAL A 35 -1.15 27.95 -21.87
N VAL A 36 -2.29 27.77 -22.54
CA VAL A 36 -2.84 26.45 -22.81
C VAL A 36 -2.44 25.94 -24.19
N CYS A 37 -1.74 24.81 -24.20
CA CYS A 37 -1.29 24.23 -25.45
C CYS A 37 -2.35 23.20 -25.86
N ALA A 38 -3.22 23.59 -26.77
CA ALA A 38 -4.32 22.74 -27.19
C ALA A 38 -5.05 23.29 -28.42
N ASP A 39 -6.11 22.59 -28.84
CA ASP A 39 -6.92 23.05 -29.96
C ASP A 39 -7.92 24.05 -29.39
N GLY A 40 -7.90 25.27 -29.91
CA GLY A 40 -8.79 26.31 -29.44
C GLY A 40 -10.28 26.08 -29.64
N ALA A 41 -10.67 25.58 -30.80
CA ALA A 41 -12.09 25.31 -31.06
C ALA A 41 -12.56 24.31 -30.02
N LEU A 42 -11.72 23.32 -29.73
CA LEU A 42 -12.03 22.31 -28.71
C LEU A 42 -12.41 22.97 -27.39
N LEU A 43 -11.53 23.81 -26.85
CA LEU A 43 -11.82 24.48 -25.58
C LEU A 43 -13.11 25.28 -25.65
N THR A 44 -13.24 26.10 -26.69
CA THR A 44 -14.44 26.92 -26.87
C THR A 44 -15.71 26.07 -26.90
N GLU A 45 -15.65 24.99 -27.67
CA GLU A 45 -16.75 24.05 -27.80
C GLU A 45 -17.08 23.43 -26.44
N ARG A 46 -16.06 23.04 -25.69
CA ARG A 46 -16.31 22.44 -24.38
C ARG A 46 -16.90 23.44 -23.40
N ALA A 47 -16.46 24.69 -23.49
CA ALA A 47 -16.97 25.75 -22.62
C ALA A 47 -18.47 25.92 -22.89
N ALA A 48 -18.82 25.94 -24.17
CA ALA A 48 -20.21 26.09 -24.58
C ALA A 48 -21.05 24.94 -24.03
N LEU A 50 -20.52 23.28 -21.28
CA LEU A 50 -20.61 23.37 -19.83
C LEU A 50 -21.28 24.66 -19.41
N GLY A 51 -21.72 25.44 -20.39
CA GLY A 51 -22.39 26.69 -20.08
C GLY A 51 -21.46 27.64 -19.33
N LEU A 52 -20.17 27.58 -19.66
CA LEU A 52 -19.18 28.46 -19.01
C LEU A 52 -18.59 29.47 -20.00
N PRO A 53 -18.53 30.75 -19.62
CA PRO A 53 -17.96 31.74 -20.55
C PRO A 53 -16.47 31.50 -20.74
N LEU A 54 -15.94 31.87 -21.90
CA LEU A 54 -14.52 31.70 -22.16
C LEU A 54 -14.03 32.56 -23.30
N SER A 55 -12.89 33.23 -23.11
CA SER A 55 -12.28 34.02 -24.17
C SER A 55 -10.84 33.58 -24.28
N LEU A 56 -10.42 33.25 -25.50
CA LEU A 56 -9.06 32.85 -25.74
C LEU A 56 -8.25 34.01 -26.27
N LEU A 57 -7.18 34.33 -25.55
CA LEU A 57 -6.26 35.41 -25.92
C LEU A 57 -5.09 34.71 -26.60
N PRO A 58 -4.60 35.25 -27.73
CA PRO A 58 -3.48 34.59 -28.41
C PRO A 58 -2.14 34.67 -27.66
N TYR A 59 -1.41 33.57 -27.64
CA TYR A 59 -0.13 33.53 -26.97
C TYR A 59 0.91 34.33 -27.74
N SER A 60 1.48 35.36 -27.11
CA SER A 60 2.48 36.21 -27.77
C SER A 60 3.77 36.26 -26.94
N PRO A 61 4.77 35.43 -27.29
CA PRO A 61 6.05 35.40 -26.56
C PRO A 61 6.90 36.66 -26.64
N ASP A 62 6.55 37.54 -27.57
CA ASP A 62 7.29 38.79 -27.77
C ASP A 62 6.87 39.89 -26.83
N VAL A 63 5.68 39.73 -26.25
CA VAL A 63 5.17 40.71 -25.30
C VAL A 63 5.25 40.08 -23.93
N PRO A 64 5.55 40.87 -22.91
CA PRO A 64 5.65 40.32 -21.56
C PRO A 64 4.42 39.53 -21.12
N ALA A 65 4.60 38.60 -20.19
CA ALA A 65 3.51 37.79 -19.68
C ALA A 65 2.64 38.68 -18.82
N ALA A 66 1.37 38.31 -18.70
CA ALA A 66 0.45 39.09 -17.90
C ALA A 66 -0.53 38.16 -17.20
N PRO A 67 -0.88 38.48 -15.94
CA PRO A 67 -1.81 37.70 -15.12
C PRO A 67 -3.07 37.35 -15.90
N GLN A 68 -3.45 36.09 -15.87
CA GLN A 68 -4.63 35.63 -16.59
C GLN A 68 -5.94 36.11 -15.95
N PRO A 69 -6.71 36.92 -16.68
CA PRO A 69 -7.98 37.39 -16.10
C PRO A 69 -9.04 36.29 -16.14
N ALA A 70 -10.00 36.37 -15.22
CA ALA A 70 -11.09 35.40 -15.11
C ALA A 70 -11.85 35.27 -16.42
N GLY A 71 -12.23 34.05 -16.76
CA GLY A 71 -12.98 33.85 -18.00
C GLY A 71 -12.12 33.85 -19.25
N THR A 72 -10.80 33.73 -19.09
CA THR A 72 -9.91 33.75 -20.24
C THR A 72 -8.72 32.81 -20.06
N LEU A 73 -8.17 32.41 -21.19
CA LEU A 73 -6.98 31.56 -21.25
C LEU A 73 -6.15 32.12 -22.40
N THR A 74 -4.84 31.94 -22.33
CA THR A 74 -3.95 32.40 -23.40
C THR A 74 -3.68 31.13 -24.18
N LEU A 75 -4.04 31.12 -25.47
CA LEU A 75 -3.89 29.92 -26.28
C LEU A 75 -2.67 29.75 -27.16
N LEU A 76 -2.02 28.60 -27.02
CA LEU A 76 -0.88 28.22 -27.85
C LEU A 76 -1.52 27.12 -28.71
N PRO A 77 -2.04 27.49 -29.89
CA PRO A 77 -2.70 26.57 -30.82
C PRO A 77 -1.98 25.34 -31.34
N VAL A 78 -2.71 24.22 -31.29
CA VAL A 78 -2.26 22.93 -31.82
C VAL A 78 -3.59 22.32 -32.28
N SER A 79 -3.73 22.16 -33.59
CA SER A 79 -4.95 21.66 -34.16
C SER A 79 -5.16 20.16 -34.05
N LEU A 80 -6.42 19.80 -33.83
CA LEU A 80 -6.83 18.42 -33.75
C LEU A 80 -6.77 17.89 -35.17
N ARG A 81 -6.52 16.59 -35.31
CA ARG A 81 -6.47 15.98 -36.62
C ARG A 81 -7.91 15.68 -37.05
N ALA A 82 -8.75 15.40 -36.07
CA ALA A 82 -10.14 15.08 -36.35
C ALA A 82 -11.01 15.64 -35.25
N PRO A 83 -12.32 15.80 -35.53
CA PRO A 83 -13.26 16.33 -34.55
C PRO A 83 -13.17 15.50 -33.26
N ALA A 84 -13.34 16.18 -32.13
CA ALA A 84 -13.29 15.50 -30.85
C ALA A 84 -14.71 15.34 -30.32
N ILE A 85 -15.05 14.12 -29.90
CA ILE A 85 -16.36 13.83 -29.35
C ILE A 85 -16.23 13.46 -27.87
N SER A 86 -16.98 14.14 -27.01
CA SER A 86 -16.93 13.88 -25.58
C SER A 86 -17.00 12.39 -25.29
N GLY A 87 -16.07 11.92 -24.48
CA GLY A 87 -16.07 10.52 -24.11
C GLY A 87 -15.88 9.52 -25.23
N GLN A 88 -15.46 9.97 -26.41
CA GLN A 88 -15.25 9.04 -27.50
C GLN A 88 -13.84 9.14 -28.07
N LEU A 89 -12.99 8.17 -27.73
CA LEU A 89 -11.62 8.17 -28.21
C LEU A 89 -11.55 7.98 -29.72
N THR A 90 -10.61 8.67 -30.37
CA THR A 90 -10.40 8.54 -31.80
C THR A 90 -8.89 8.55 -32.06
N VAL A 91 -8.38 7.43 -32.58
CA VAL A 91 -6.96 7.27 -32.86
C VAL A 91 -6.39 8.45 -33.63
N GLU A 92 -7.22 9.06 -34.48
CA GLU A 92 -6.83 10.21 -35.28
C GLU A 92 -6.19 11.32 -34.47
N ASN A 93 -6.69 11.57 -33.27
CA ASN A 93 -6.12 12.64 -32.45
C ASN A 93 -5.03 12.18 -31.49
N GLY A 94 -4.50 10.97 -31.71
CA GLY A 94 -3.42 10.47 -30.87
C GLY A 94 -2.17 11.33 -31.06
N PRO A 95 -1.81 11.67 -32.32
CA PRO A 95 -0.62 12.50 -32.58
C PRO A 95 -0.77 13.90 -31.98
N TYR A 96 -2.01 14.41 -31.96
CA TYR A 96 -2.33 15.72 -31.40
C TYR A 96 -1.88 15.80 -29.95
N VAL A 97 -2.28 14.81 -29.16
CA VAL A 97 -1.90 14.79 -27.75
C VAL A 97 -0.40 14.89 -27.60
N VAL A 98 0.33 13.99 -28.24
CA VAL A 98 1.78 13.99 -28.13
C VAL A 98 2.39 15.31 -28.56
N GLU A 99 1.85 15.90 -29.63
CA GLU A 99 2.36 17.17 -30.12
C GLU A 99 2.24 18.25 -29.05
N THR A 100 1.09 18.34 -28.39
CA THR A 100 0.95 19.35 -27.36
C THR A 100 1.99 19.12 -26.26
N LEU A 101 2.28 17.86 -25.96
CA LEU A 101 3.27 17.53 -24.92
C LEU A 101 4.69 17.90 -25.33
N ALA A 102 5.01 17.67 -26.59
CA ALA A 102 6.34 17.97 -27.11
C ALA A 102 6.56 19.47 -27.18
N ARG A 103 5.52 20.21 -27.56
CA ARG A 103 5.59 21.66 -27.68
C ARG A 103 5.67 22.30 -26.31
N ALA A 104 4.88 21.80 -25.36
CA ALA A 104 4.89 22.33 -23.99
C ALA A 104 6.23 22.03 -23.33
N CYS A 105 6.73 20.80 -23.49
CA CYS A 105 8.01 20.38 -22.94
C CYS A 105 9.13 21.26 -23.48
N ASP A 106 9.10 21.53 -24.78
CA ASP A 106 10.15 22.35 -25.41
C ASP A 106 10.15 23.78 -24.90
N GLY A 107 8.95 24.33 -24.66
CA GLY A 107 8.87 25.68 -24.15
C GLY A 107 9.40 25.79 -22.73
N CYS A 108 9.30 24.72 -21.95
CA CYS A 108 9.82 24.77 -20.59
C CYS A 108 11.33 24.60 -20.67
N LEU A 109 11.79 23.89 -21.69
CA LEU A 109 13.21 23.65 -21.85
C LEU A 109 13.96 24.91 -22.30
N ASN A 110 13.30 25.80 -23.03
CA ASN A 110 13.96 27.01 -23.48
C ASN A 110 13.52 28.29 -22.76
N GLY A 111 12.99 28.13 -21.55
CA GLY A 111 12.59 29.28 -20.77
C GLY A 111 11.33 30.01 -21.19
N GLU A 112 10.62 29.47 -22.18
CA GLU A 112 9.38 30.08 -22.64
C GLU A 112 8.38 30.06 -21.48
N PHE A 113 8.29 28.92 -20.80
CA PHE A 113 7.36 28.77 -19.68
C PHE A 113 8.10 28.42 -18.38
N ALA A 114 7.57 28.93 -17.26
CA ALA A 114 8.15 28.71 -15.94
C ALA A 114 7.79 27.36 -15.33
N ALA A 115 6.73 26.74 -15.85
CA ALA A 115 6.33 25.43 -15.36
C ALA A 115 5.39 24.77 -16.34
N LEU A 116 5.18 23.47 -16.15
CA LEU A 116 4.29 22.69 -17.00
C LEU A 116 3.32 21.92 -16.12
N ILE A 117 2.02 22.13 -16.36
CA ILE A 117 0.97 21.44 -15.61
C ILE A 117 0.19 20.62 -16.63
N THR A 118 0.18 19.31 -16.45
CA THR A 118 -0.48 18.41 -17.40
C THR A 118 -1.82 17.85 -16.97
N GLY A 119 -2.75 17.85 -17.92
CA GLY A 119 -4.07 17.29 -17.71
C GLY A 119 -3.92 15.81 -18.02
N PRO A 120 -4.97 15.00 -17.84
CA PRO A 120 -4.87 13.56 -18.13
C PRO A 120 -4.88 13.15 -19.60
N VAL A 121 -4.09 12.13 -19.92
CA VAL A 121 -4.03 11.60 -21.27
C VAL A 121 -4.32 10.11 -21.21
N HIS A 122 -4.75 9.57 -22.34
CA HIS A 122 -5.09 8.16 -22.46
C HIS A 122 -3.99 7.49 -23.29
N LYS A 123 -3.18 6.63 -22.66
CA LYS A 123 -2.07 5.96 -23.37
C LYS A 123 -2.52 4.94 -24.41
N GLY A 124 -3.69 4.37 -24.18
CA GLY A 124 -4.21 3.39 -25.11
C GLY A 124 -4.45 3.97 -26.49
N VAL A 125 -5.09 5.12 -26.57
CA VAL A 125 -5.38 5.73 -27.85
C VAL A 125 -4.10 6.24 -28.52
N ILE A 126 -3.10 6.60 -27.72
CA ILE A 126 -1.83 7.09 -28.24
C ILE A 126 -1.04 5.93 -28.87
N ASN A 127 -0.97 4.80 -28.17
CA ASN A 127 -0.27 3.63 -28.68
C ASN A 127 -0.90 3.05 -29.94
N ASP A 128 -2.24 3.08 -29.98
CA ASP A 128 -2.96 2.58 -31.14
C ASP A 128 -2.75 3.50 -32.34
N ALA A 129 -2.25 4.71 -32.09
CA ALA A 129 -1.97 5.64 -33.16
C ALA A 129 -0.58 5.30 -33.68
N GLY A 130 0.07 4.34 -33.04
CA GLY A 130 1.41 3.92 -33.44
C GLY A 130 2.54 4.70 -32.80
N ILE A 131 2.25 5.37 -31.69
CA ILE A 131 3.26 6.15 -30.98
C ILE A 131 3.56 5.49 -29.63
N SER A 132 4.80 5.07 -29.40
CA SER A 132 5.15 4.43 -28.15
C SER A 132 4.96 5.40 -26.99
N PHE A 133 4.11 5.02 -26.05
CA PHE A 133 3.84 5.88 -24.91
C PHE A 133 3.63 5.07 -23.64
N THR A 134 4.26 5.50 -22.56
CA THR A 134 4.11 4.84 -21.27
C THR A 134 3.54 5.83 -20.26
N GLY A 135 3.98 7.08 -20.34
CA GLY A 135 3.48 8.06 -19.42
C GLY A 135 4.17 9.39 -19.63
N HIS A 136 3.57 10.45 -19.08
CA HIS A 136 4.14 11.79 -19.20
C HIS A 136 5.56 11.81 -18.63
N THR A 137 5.71 11.15 -17.48
CA THR A 137 7.00 11.10 -16.76
C THR A 137 8.09 10.62 -17.70
N GLU A 138 7.86 9.46 -18.34
CA GLU A 138 8.82 8.89 -19.27
C GLU A 138 8.98 9.74 -20.53
N PHE A 139 7.87 10.32 -21.00
CA PHE A 139 7.92 11.16 -22.19
C PHE A 139 8.84 12.35 -21.97
N PHE A 140 8.66 13.03 -20.84
CA PHE A 140 9.46 14.21 -20.50
C PHE A 140 10.91 13.86 -20.17
N GLU A 141 11.10 12.77 -19.44
CA GLU A 141 12.45 12.35 -19.07
C GLU A 141 13.26 12.12 -20.35
N GLU A 142 12.68 11.39 -21.29
CA GLU A 142 13.31 11.08 -22.56
C GLU A 142 13.56 12.33 -23.43
N ARG A 143 12.54 13.17 -23.62
CA ARG A 143 12.70 14.36 -24.43
C ARG A 143 13.66 15.38 -23.82
N SER A 144 13.71 15.45 -22.49
CA SER A 144 14.62 16.37 -21.80
C SER A 144 16.02 15.79 -21.69
N GLN A 145 16.19 14.55 -22.14
CA GLN A 145 17.48 13.87 -22.03
C GLN A 145 17.97 13.89 -20.58
N ALA A 146 17.03 13.78 -19.63
CA ALA A 146 17.35 13.77 -18.21
C ALA A 146 17.87 12.37 -17.87
N LYS A 147 18.88 12.28 -17.00
CA LYS A 147 19.44 10.98 -16.62
C LYS A 147 18.38 10.10 -15.98
N LYS A 148 17.61 10.72 -15.09
CA LYS A 148 16.55 10.02 -14.38
C LYS A 148 15.60 11.08 -13.81
N VAL A 149 14.34 10.70 -13.66
CA VAL A 149 13.32 11.56 -13.07
C VAL A 149 12.68 10.72 -11.98
N VAL A 150 12.00 11.38 -11.05
CA VAL A 150 11.36 10.69 -9.95
C VAL A 150 9.90 11.11 -9.85
N LEU A 153 3.81 11.67 -5.61
CA LEU A 153 2.43 12.06 -5.35
C LEU A 153 2.50 12.77 -4.00
N ALA A 154 2.02 13.99 -3.95
CA ALA A 154 2.06 14.76 -2.72
C ALA A 154 0.71 15.36 -2.35
N THR A 155 0.45 15.38 -1.04
CA THR A 155 -0.76 15.98 -0.45
C THR A 155 -0.15 16.95 0.55
N GLU A 156 -0.95 17.72 1.27
CA GLU A 156 -0.37 18.66 2.19
C GLU A 156 0.17 17.98 3.45
N GLU A 157 -0.21 16.73 3.66
CA GLU A 157 0.24 16.02 4.85
C GLU A 157 1.17 14.87 4.54
N LEU A 158 1.18 14.41 3.29
CA LEU A 158 2.01 13.28 2.95
C LEU A 158 2.60 13.31 1.54
N ARG A 159 3.91 13.09 1.44
CA ARG A 159 4.59 13.05 0.16
C ARG A 159 5.15 11.66 -0.04
N VAL A 160 4.77 11.04 -1.15
CA VAL A 160 5.25 9.70 -1.47
C VAL A 160 5.95 9.69 -2.84
N ALA A 161 7.26 9.47 -2.81
CA ALA A 161 8.06 9.39 -4.02
C ALA A 161 8.19 7.90 -4.36
N LEU A 162 8.40 7.60 -5.64
CA LEU A 162 8.52 6.22 -6.09
C LEU A 162 9.87 5.95 -6.75
N ALA A 163 10.46 4.80 -6.44
CA ALA A 163 11.75 4.41 -7.03
C ALA A 163 11.50 3.93 -8.46
N THR A 164 10.30 3.40 -8.69
CA THR A 164 9.87 2.92 -10.01
C THR A 164 8.45 3.41 -10.24
N THR A 165 8.10 3.70 -11.50
CA THR A 165 6.75 4.21 -11.84
C THR A 165 5.76 3.08 -12.17
N HIS A 166 5.12 3.14 -13.34
CA HIS A 166 4.13 2.13 -13.70
C HIS A 166 4.67 0.88 -14.42
N LEU A 167 5.38 0.06 -13.68
CA LEU A 167 5.96 -1.16 -14.22
C LEU A 167 5.23 -2.38 -13.69
N PRO A 168 5.27 -3.48 -14.46
CA PRO A 168 4.57 -4.67 -13.95
C PRO A 168 5.29 -5.06 -12.67
N LEU A 169 4.54 -5.56 -11.70
CA LEU A 169 5.13 -5.96 -10.43
C LEU A 169 6.34 -6.91 -10.64
N ARG A 170 6.22 -7.81 -11.61
CA ARG A 170 7.27 -8.78 -11.91
C ARG A 170 8.64 -8.18 -12.29
N ALA A 171 8.65 -6.93 -12.74
CA ALA A 171 9.90 -6.27 -13.14
C ALA A 171 10.59 -5.45 -12.05
N ILE A 172 9.88 -5.23 -10.95
CA ILE A 172 10.40 -4.41 -9.85
C ILE A 172 11.70 -4.91 -9.22
N ALA A 173 11.66 -6.11 -8.65
CA ALA A 173 12.83 -6.67 -7.97
C ALA A 173 14.16 -6.41 -8.67
N ASP A 174 14.24 -6.69 -9.96
CA ASP A 174 15.51 -6.47 -10.67
C ASP A 174 15.75 -5.03 -11.07
N ALA A 175 14.71 -4.21 -11.04
CA ALA A 175 14.89 -2.82 -11.41
C ALA A 175 15.58 -2.06 -10.29
N ILE A 176 15.37 -2.47 -9.05
CA ILE A 176 15.99 -1.78 -7.94
C ILE A 176 17.48 -2.11 -7.84
N THR A 177 18.29 -1.36 -8.57
CA THR A 177 19.73 -1.57 -8.55
C THR A 177 20.41 -0.51 -7.71
N PRO A 178 21.67 -0.74 -7.32
CA PRO A 178 22.37 0.26 -6.51
C PRO A 178 22.39 1.63 -7.22
N ALA A 179 22.63 1.62 -8.53
CA ALA A 179 22.67 2.85 -9.32
C ALA A 179 21.31 3.55 -9.39
N LEU A 180 20.23 2.77 -9.44
CA LEU A 180 18.89 3.35 -9.50
C LEU A 180 18.52 4.05 -8.19
N LEU A 181 18.80 3.38 -7.06
CA LEU A 181 18.52 3.94 -5.75
C LEU A 181 19.30 5.22 -5.54
N HIS A 182 20.56 5.23 -5.96
CA HIS A 182 21.36 6.43 -5.80
C HIS A 182 20.76 7.59 -6.58
N GLU A 183 20.43 7.35 -7.85
CA GLU A 183 19.86 8.40 -8.70
C GLU A 183 18.55 8.95 -8.15
N VAL A 184 17.64 8.04 -7.82
CA VAL A 184 16.34 8.41 -7.28
C VAL A 184 16.43 9.22 -5.98
N ILE A 185 17.19 8.71 -5.01
CA ILE A 185 17.32 9.41 -3.72
C ILE A 185 18.01 10.77 -3.90
N ALA A 186 19.05 10.80 -4.74
CA ALA A 186 19.76 12.05 -4.96
C ALA A 186 18.75 13.10 -5.46
N ILE A 187 17.98 12.76 -6.50
CA ILE A 187 16.98 13.65 -7.08
C ILE A 187 15.91 14.06 -6.07
N LEU A 188 15.43 13.10 -5.28
CA LEU A 188 14.40 13.36 -4.29
C LEU A 188 14.86 14.37 -3.23
N HIS A 189 16.06 14.13 -2.69
CA HIS A 189 16.64 14.98 -1.66
C HIS A 189 16.83 16.40 -2.17
N HIS A 190 17.43 16.50 -3.34
CA HIS A 190 17.69 17.79 -3.96
C HIS A 190 16.43 18.59 -4.23
N ASP A 191 15.43 17.97 -4.88
CA ASP A 191 14.19 18.68 -5.19
C ASP A 191 13.36 19.03 -3.96
N LEU A 192 13.47 18.24 -2.88
CA LEU A 192 12.72 18.55 -1.66
C LEU A 192 13.31 19.83 -1.07
N ARG A 193 14.62 19.96 -1.23
CA ARG A 193 15.30 21.13 -0.73
C ARG A 193 15.05 22.34 -1.62
N THR A 194 15.23 22.17 -2.93
CA THR A 194 15.05 23.28 -3.88
C THR A 194 13.60 23.63 -4.27
N LYS A 195 12.80 22.64 -4.65
CA LYS A 195 11.43 22.92 -5.04
C LYS A 195 10.47 23.05 -3.88
N PHE A 196 10.68 22.27 -2.83
CA PHE A 196 9.80 22.32 -1.66
C PHE A 196 10.28 23.20 -0.55
N GLY A 197 11.52 23.67 -0.67
CA GLY A 197 12.10 24.56 0.33
C GLY A 197 12.37 23.96 1.71
N ILE A 198 12.80 22.70 1.74
CA ILE A 198 13.10 22.00 2.98
C ILE A 198 14.62 21.84 3.13
N ALA A 199 15.22 22.68 3.99
CA ALA A 199 16.68 22.67 4.20
C ALA A 199 17.33 21.30 4.42
N GLU A 200 16.76 20.54 5.35
CA GLU A 200 17.23 19.21 5.73
C GLU A 200 16.09 18.20 5.61
N PRO A 201 15.87 17.66 4.41
CA PRO A 201 14.81 16.67 4.12
C PRO A 201 14.93 15.39 4.97
N ARG A 202 13.84 15.04 5.66
CA ARG A 202 13.80 13.82 6.48
C ARG A 202 13.04 12.80 5.62
N ILE A 203 13.75 11.80 5.10
CA ILE A 203 13.18 10.78 4.23
C ILE A 203 13.07 9.37 4.82
N LEU A 204 11.86 8.83 4.71
CA LEU A 204 11.54 7.48 5.18
C LEU A 204 11.62 6.56 3.95
N VAL A 205 12.47 5.55 4.04
CA VAL A 205 12.65 4.64 2.92
C VAL A 205 12.04 3.26 3.16
N CYS A 206 11.22 2.80 2.20
CA CYS A 206 10.59 1.49 2.29
C CYS A 206 11.54 0.41 1.84
N GLY A 207 11.33 -0.80 2.35
CA GLY A 207 12.15 -1.91 1.93
C GLY A 207 11.46 -2.45 0.68
N LEU A 208 12.13 -3.29 -0.09
CA LEU A 208 11.52 -3.87 -1.30
C LEU A 208 10.58 -5.00 -0.91
N ASN A 209 11.05 -5.87 -0.03
CA ASN A 209 10.27 -7.01 0.42
C ASN A 209 9.45 -6.71 1.66
N PRO A 210 8.37 -7.48 1.89
CA PRO A 210 7.59 -7.18 3.09
C PRO A 210 8.52 -7.28 4.30
N HIS A 211 8.19 -6.59 5.39
CA HIS A 211 9.03 -6.59 6.59
C HIS A 211 10.46 -6.17 6.24
N ALA A 212 10.62 -5.43 5.14
CA ALA A 212 11.91 -4.96 4.70
C ALA A 212 12.92 -6.11 4.62
N GLY A 213 12.46 -7.26 4.12
CA GLY A 213 13.32 -8.42 3.97
C GLY A 213 13.51 -9.21 5.25
N GLU A 214 13.02 -8.67 6.36
CA GLU A 214 13.13 -9.33 7.65
C GLU A 214 14.52 -9.91 7.90
N GLY A 215 15.53 -9.05 7.92
CA GLY A 215 16.90 -9.47 8.15
C GLY A 215 17.50 -10.43 7.14
N GLY A 216 16.89 -10.54 5.96
CA GLY A 216 17.42 -11.43 4.95
C GLY A 216 16.67 -12.74 4.87
N HIS A 217 15.67 -12.90 5.72
CA HIS A 217 14.88 -14.13 5.74
C HIS A 217 13.64 -14.05 4.87
N GLY A 219 13.85 -12.28 1.64
CA GLY A 219 14.40 -11.56 0.50
C GLY A 219 15.72 -10.96 0.91
N THR A 220 16.63 -10.77 -0.04
CA THR A 220 17.93 -10.25 0.28
C THR A 220 18.27 -8.91 -0.34
N GLU A 221 17.39 -8.36 -1.17
CA GLU A 221 17.68 -7.09 -1.81
C GLU A 221 18.00 -5.94 -0.85
N GLU A 222 17.39 -5.93 0.33
CA GLU A 222 17.66 -4.87 1.30
C GLU A 222 19.11 -4.91 1.76
N ILE A 223 19.55 -6.10 2.09
CA ILE A 223 20.90 -6.33 2.54
C ILE A 223 21.93 -6.19 1.41
N ASP A 224 21.57 -6.65 0.22
CA ASP A 224 22.48 -6.59 -0.93
C ASP A 224 22.56 -5.25 -1.64
N THR A 225 21.45 -4.53 -1.70
CA THR A 225 21.41 -3.26 -2.42
C THR A 225 20.94 -2.05 -1.65
N ILE A 226 19.74 -2.12 -1.09
CA ILE A 226 19.18 -0.98 -0.38
C ILE A 226 20.00 -0.44 0.80
N ILE A 227 20.23 -1.27 1.82
CA ILE A 227 20.99 -0.84 2.99
C ILE A 227 22.37 -0.23 2.65
N PRO A 228 23.12 -0.89 1.76
CA PRO A 228 24.44 -0.35 1.39
C PRO A 228 24.38 1.08 0.83
N VAL A 229 23.37 1.35 -0.01
CA VAL A 229 23.20 2.68 -0.61
C VAL A 229 22.77 3.69 0.44
N LEU A 230 21.84 3.32 1.31
CA LEU A 230 21.38 4.24 2.32
C LEU A 230 22.50 4.61 3.28
N ASP A 231 23.31 3.63 3.68
CA ASP A 231 24.41 3.91 4.61
C ASP A 231 25.34 4.92 3.98
N GLU A 232 25.60 4.73 2.71
CA GLU A 232 26.47 5.63 1.98
C GLU A 232 25.92 7.06 2.03
N LEU A 233 24.64 7.21 1.69
CA LEU A 233 24.01 8.52 1.67
C LEU A 233 23.86 9.13 3.05
N ARG A 234 23.58 8.30 4.06
CA ARG A 234 23.44 8.82 5.41
C ARG A 234 24.76 9.45 5.85
N ALA A 235 25.86 8.83 5.43
CA ALA A 235 27.20 9.33 5.77
C ALA A 235 27.47 10.70 5.16
N GLN A 236 26.66 11.08 4.18
CA GLN A 236 26.79 12.37 3.52
C GLN A 236 25.85 13.40 4.13
N GLY A 237 25.19 13.02 5.22
CA GLY A 237 24.31 13.94 5.89
C GLY A 237 22.83 13.76 5.66
N LYS A 239 19.26 12.55 5.92
CA LYS A 239 18.46 11.93 6.96
C LYS A 239 17.58 10.85 6.35
N LEU A 240 18.17 9.67 6.12
CA LEU A 240 17.42 8.56 5.55
C LEU A 240 17.08 7.55 6.63
N ASN A 241 15.78 7.37 6.89
CA ASN A 241 15.35 6.41 7.89
C ASN A 241 14.76 5.19 7.19
N GLY A 242 15.46 4.07 7.26
CA GLY A 242 14.99 2.85 6.62
C GLY A 242 16.17 1.95 6.24
N PRO A 243 15.95 0.83 5.51
CA PRO A 243 14.67 0.31 5.04
C PRO A 243 13.75 -0.13 6.16
N LEU A 244 12.50 0.27 6.06
CA LEU A 244 11.51 -0.09 7.04
C LEU A 244 10.38 -0.80 6.32
N PRO A 245 9.67 -1.70 7.03
CA PRO A 245 8.58 -2.38 6.35
C PRO A 245 7.52 -1.31 6.04
N ALA A 246 6.99 -1.37 4.82
CA ALA A 246 6.01 -0.41 4.38
C ALA A 246 4.77 -0.44 5.25
N ASP A 247 4.38 -1.63 5.73
CA ASP A 247 3.16 -1.69 6.54
C ASP A 247 3.33 -1.22 7.98
N THR A 248 4.52 -0.77 8.35
CA THR A 248 4.70 -0.25 9.69
C THR A 248 5.13 1.20 9.62
N LEU A 249 5.87 1.59 8.59
CA LEU A 249 6.30 2.98 8.52
C LEU A 249 5.17 3.96 8.16
N PHE A 250 4.13 3.44 7.53
CA PHE A 250 2.99 4.27 7.16
C PHE A 250 2.02 4.45 8.33
N GLN A 251 2.52 5.08 9.39
CA GLN A 251 1.73 5.36 10.57
C GLN A 251 2.19 6.72 11.08
N PRO A 252 1.25 7.50 11.61
CA PRO A 252 1.53 8.83 12.15
C PRO A 252 2.81 8.86 12.95
N LYS A 253 3.02 7.84 13.77
CA LYS A 253 4.23 7.76 14.58
C LYS A 253 5.49 8.07 13.75
N TYR A 254 5.53 7.58 12.52
CA TYR A 254 6.69 7.77 11.63
C TYR A 254 6.52 8.93 10.66
N LEU A 255 5.33 9.02 10.09
CA LEU A 255 5.01 10.03 9.10
C LEU A 255 5.10 11.46 9.63
N ASP A 256 4.79 11.65 10.91
CA ASP A 256 4.85 12.99 11.48
C ASP A 256 6.27 13.55 11.53
N ASN A 257 7.25 12.67 11.63
CA ASN A 257 8.63 13.11 11.68
C ASN A 257 9.31 12.94 10.33
N ALA A 258 8.56 13.10 9.25
CA ALA A 258 9.17 12.96 7.95
C ALA A 258 8.64 13.93 6.93
N ASP A 259 9.46 14.25 5.94
CA ASP A 259 9.06 15.17 4.88
C ASP A 259 8.62 14.42 3.63
N ALA A 260 9.09 13.19 3.46
CA ALA A 260 8.69 12.37 2.30
C ALA A 260 8.99 10.91 2.58
N VAL A 261 8.19 10.04 1.95
CA VAL A 261 8.37 8.60 2.07
C VAL A 261 8.82 8.14 0.68
N LEU A 262 9.80 7.25 0.63
CA LEU A 262 10.25 6.72 -0.67
C LEU A 262 9.84 5.27 -0.75
N ALA A 263 8.81 4.99 -1.55
CA ALA A 263 8.32 3.62 -1.74
C ALA A 263 9.12 3.01 -2.89
N TYR A 265 8.00 0.77 -5.06
CA TYR A 265 7.11 0.63 -6.21
C TYR A 265 5.76 1.32 -5.97
N HIS A 266 5.06 1.52 -7.09
CA HIS A 266 3.78 2.19 -7.17
C HIS A 266 2.71 1.80 -6.13
N ASP A 267 2.29 0.55 -6.11
CA ASP A 267 1.26 0.16 -5.14
C ASP A 267 1.73 -0.01 -3.69
N GLN A 268 3.00 0.29 -3.42
CA GLN A 268 3.54 0.16 -2.05
C GLN A 268 3.30 1.46 -1.28
N GLY A 269 3.33 2.57 -2.01
CA GLY A 269 3.13 3.88 -1.39
C GLY A 269 1.87 4.67 -1.73
N LEU A 270 1.35 4.52 -2.95
CA LEU A 270 0.17 5.27 -3.35
C LEU A 270 -1.18 4.91 -2.70
N PRO A 271 -1.41 3.63 -2.35
CA PRO A 271 -2.69 3.32 -1.72
C PRO A 271 -2.95 4.17 -0.44
N VAL A 272 -1.95 4.26 0.44
CA VAL A 272 -2.06 5.07 1.67
C VAL A 272 -2.19 6.56 1.31
N LEU A 273 -1.39 7.02 0.36
CA LEU A 273 -1.43 8.41 -0.06
C LEU A 273 -2.83 8.76 -0.58
N LYS A 274 -3.36 7.95 -1.48
CA LYS A 274 -4.69 8.21 -2.03
C LYS A 274 -5.78 8.06 -0.96
N TYR A 275 -5.60 7.08 -0.08
CA TYR A 275 -6.57 6.82 0.98
C TYR A 275 -6.88 8.08 1.77
N GLN A 276 -5.85 8.89 2.01
CA GLN A 276 -6.01 10.13 2.75
C GLN A 276 -5.83 11.37 1.87
N GLY A 277 -5.62 11.16 0.58
CA GLY A 277 -5.42 12.27 -0.34
C GLY A 277 -6.66 13.11 -0.56
N PHE A 278 -7.82 12.53 -0.25
CA PHE A 278 -9.08 13.24 -0.42
C PHE A 278 -9.26 13.68 -1.88
N GLY A 279 -8.48 13.08 -2.78
CA GLY A 279 -8.57 13.41 -4.19
C GLY A 279 -7.81 14.67 -4.60
N ARG A 280 -7.35 15.42 -3.60
CA ARG A 280 -6.60 16.65 -3.85
C ARG A 280 -5.09 16.35 -3.90
N GLY A 281 -4.74 15.18 -4.40
CA GLY A 281 -3.34 14.80 -4.50
C GLY A 281 -2.74 15.36 -5.79
N VAL A 282 -1.44 15.57 -5.82
CA VAL A 282 -0.78 16.12 -7.00
C VAL A 282 0.40 15.25 -7.43
N ASN A 283 0.55 15.04 -8.74
CA ASN A 283 1.66 14.24 -9.24
C ASN A 283 2.75 15.20 -9.76
N ILE A 284 3.95 15.07 -9.18
CA ILE A 284 5.08 15.94 -9.54
C ILE A 284 6.27 15.10 -10.02
N THR A 285 6.87 15.53 -11.14
CA THR A 285 8.02 14.82 -11.67
C THR A 285 9.25 15.59 -11.20
N LEU A 286 10.13 14.89 -10.49
CA LEU A 286 11.36 15.51 -9.96
C LEU A 286 12.53 15.09 -10.84
N GLY A 287 13.55 15.93 -10.94
CA GLY A 287 14.70 15.59 -11.73
C GLY A 287 14.72 16.06 -13.17
N LEU A 288 13.71 16.84 -13.54
CA LEU A 288 13.61 17.40 -14.87
C LEU A 288 14.27 18.74 -14.86
N PRO A 289 14.65 19.25 -16.05
CA PRO A 289 15.30 20.54 -16.21
C PRO A 289 14.31 21.68 -15.86
N PHE A 290 13.04 21.32 -15.66
CA PHE A 290 12.00 22.30 -15.35
C PHE A 290 10.95 21.74 -14.38
N ILE A 291 10.09 22.61 -13.88
CA ILE A 291 9.03 22.20 -12.95
C ILE A 291 7.85 21.60 -13.70
N ARG A 292 7.31 20.50 -13.17
CA ARG A 292 6.15 19.85 -13.78
C ARG A 292 5.26 19.18 -12.74
N THR A 293 4.00 19.62 -12.70
CA THR A 293 3.01 19.06 -11.80
C THR A 293 1.90 18.47 -12.68
N SER A 294 0.93 17.80 -12.07
CA SER A 294 -0.11 17.14 -12.82
C SER A 294 -1.21 16.62 -11.91
N VAL A 295 -2.36 16.31 -12.50
CA VAL A 295 -3.49 15.77 -11.76
C VAL A 295 -3.11 14.31 -11.54
N ASP A 296 -3.78 13.67 -10.58
CA ASP A 296 -3.52 12.27 -10.23
C ASP A 296 -4.60 11.33 -10.75
N HIS A 297 -5.58 11.87 -11.45
CA HIS A 297 -6.67 11.06 -11.95
C HIS A 297 -6.61 10.74 -13.44
N GLY A 298 -7.57 9.96 -13.91
CA GLY A 298 -7.60 9.58 -15.32
C GLY A 298 -8.37 10.55 -16.18
N THR A 299 -8.57 10.19 -17.44
CA THR A 299 -9.26 11.06 -18.38
C THR A 299 -10.76 11.24 -18.16
N ALA A 300 -11.37 10.41 -17.31
CA ALA A 300 -12.80 10.48 -17.03
C ALA A 300 -13.62 10.74 -18.28
N LEU A 301 -13.45 9.88 -19.28
CA LEU A 301 -14.17 10.02 -20.54
C LEU A 301 -15.69 10.11 -20.37
N GLU A 302 -16.23 9.42 -19.37
CA GLU A 302 -17.66 9.43 -19.17
C GLU A 302 -18.18 10.74 -18.59
N LEU A 303 -17.31 11.54 -17.99
CA LEU A 303 -17.73 12.81 -17.45
C LEU A 303 -17.48 13.92 -18.47
N ALA A 304 -16.76 13.62 -19.54
CA ALA A 304 -16.43 14.62 -20.55
C ALA A 304 -17.65 15.33 -21.13
N GLY A 305 -17.60 16.66 -21.07
CA GLY A 305 -18.67 17.49 -21.60
C GLY A 305 -19.96 17.44 -20.80
N ARG A 306 -19.96 16.83 -19.62
CA ARG A 306 -21.18 16.73 -18.83
C ARG A 306 -21.30 17.66 -17.62
N GLY A 307 -20.19 18.27 -17.23
CA GLY A 307 -20.20 19.21 -16.11
C GLY A 307 -20.04 18.71 -14.70
N LYS A 308 -19.57 17.48 -14.51
CA LYS A 308 -19.40 16.96 -13.16
C LYS A 308 -17.94 16.63 -12.82
N ALA A 309 -17.01 17.12 -13.63
CA ALA A 309 -15.59 16.88 -13.39
C ALA A 309 -15.08 17.73 -12.23
N ASP A 310 -14.29 17.13 -11.34
CA ASP A 310 -13.76 17.84 -10.18
C ASP A 310 -12.40 18.48 -10.50
N VAL A 311 -12.37 19.81 -10.49
CA VAL A 311 -11.18 20.57 -10.82
C VAL A 311 -10.25 20.77 -9.63
N GLY A 312 -10.63 20.21 -8.48
CA GLY A 312 -9.82 20.33 -7.29
C GLY A 312 -8.37 19.92 -7.47
N SER A 313 -8.15 18.74 -8.04
CA SER A 313 -6.79 18.26 -8.25
C SER A 313 -5.98 19.14 -9.20
N PHE A 314 -6.61 19.57 -10.29
CA PHE A 314 -5.94 20.41 -11.27
C PHE A 314 -5.53 21.74 -10.64
N ILE A 315 -6.42 22.34 -9.87
CA ILE A 315 -6.13 23.61 -9.20
C ILE A 315 -5.02 23.45 -8.15
N THR A 316 -5.00 22.30 -7.49
CA THR A 316 -3.98 22.06 -6.48
C THR A 316 -2.65 21.89 -7.20
N ALA A 317 -2.69 21.20 -8.34
CA ALA A 317 -1.50 20.97 -9.16
C ALA A 317 -0.96 22.30 -9.69
N LEU A 318 -1.86 23.20 -10.05
CA LEU A 318 -1.44 24.50 -10.56
C LEU A 318 -0.89 25.38 -9.43
N ASN A 319 -1.56 25.39 -8.28
CA ASN A 319 -1.05 26.21 -7.18
C ASN A 319 0.34 25.75 -6.77
N LEU A 320 0.54 24.44 -6.69
CA LEU A 320 1.83 23.89 -6.31
C LEU A 320 2.91 24.33 -7.30
N ALA A 321 2.61 24.22 -8.59
CA ALA A 321 3.57 24.63 -9.61
C ALA A 321 3.97 26.09 -9.38
N ILE A 322 2.98 26.94 -9.11
CA ILE A 322 3.23 28.37 -8.86
C ILE A 322 4.09 28.56 -7.63
N LYS A 323 3.89 27.70 -6.64
CA LYS A 323 4.65 27.78 -5.42
C LYS A 323 6.10 27.41 -5.68
N ILE A 325 7.69 27.71 -8.45
CA ILE A 325 8.29 28.73 -9.28
C ILE A 325 8.83 29.79 -8.31
N VAL A 326 8.03 30.10 -7.30
CA VAL A 326 8.44 31.08 -6.31
C VAL A 326 9.61 30.56 -5.46
N ASN A 327 9.57 29.27 -5.12
CA ASN A 327 10.62 28.62 -4.31
C ASN A 327 11.95 28.53 -5.01
N THR A 328 11.92 28.63 -6.33
CA THR A 328 13.13 28.51 -7.09
C THR A 328 13.52 29.80 -7.82
N GLN A 329 12.92 30.93 -7.44
CA GLN A 329 13.22 32.21 -8.09
C GLN A 329 14.71 32.53 -8.03
N SER B 3 -21.36 -22.75 27.88
CA SER B 3 -20.30 -23.12 26.88
C SER B 3 -19.25 -24.11 27.40
N ALA B 4 -18.39 -23.64 28.31
CA ALA B 4 -17.32 -24.48 28.86
C ALA B 4 -16.39 -24.95 27.75
N GLN B 5 -15.84 -23.99 27.01
CA GLN B 5 -14.95 -24.27 25.88
C GLN B 5 -13.47 -24.07 26.24
N ARG B 6 -12.60 -24.72 25.48
CA ARG B 6 -11.16 -24.61 25.71
C ARG B 6 -10.44 -24.06 24.48
N VAL B 7 -9.45 -23.21 24.68
CA VAL B 7 -8.67 -22.68 23.57
C VAL B 7 -7.21 -22.84 23.93
N VAL B 8 -6.35 -22.94 22.93
CA VAL B 8 -4.92 -23.06 23.22
C VAL B 8 -4.22 -21.79 22.76
N ILE B 9 -3.28 -21.31 23.57
CA ILE B 9 -2.50 -20.11 23.28
C ILE B 9 -1.01 -20.45 23.28
N THR B 10 -0.30 -19.93 22.29
CA THR B 10 1.13 -20.15 22.18
C THR B 10 1.83 -18.80 22.29
N PRO B 11 2.59 -18.56 23.37
CA PRO B 11 3.30 -17.28 23.56
C PRO B 11 4.25 -16.95 22.41
N GLY B 12 4.73 -17.97 21.71
CA GLY B 12 5.65 -17.76 20.60
C GLY B 12 7.11 -17.72 21.03
N GLU B 13 7.93 -16.91 20.38
CA GLU B 13 9.35 -16.81 20.74
C GLU B 13 9.57 -16.51 22.23
N PRO B 14 10.21 -17.45 22.97
CA PRO B 14 10.50 -17.30 24.41
C PRO B 14 11.36 -16.10 24.80
N ALA B 15 12.23 -15.68 23.89
CA ALA B 15 13.08 -14.52 24.13
C ALA B 15 12.30 -13.23 23.89
N GLY B 16 11.20 -13.34 23.15
CA GLY B 16 10.38 -12.17 22.85
C GLY B 16 9.41 -11.77 23.94
N SER B 17 8.58 -10.77 23.64
CA SER B 17 7.59 -10.28 24.60
C SER B 17 6.32 -11.12 24.58
N GLY B 18 6.34 -12.19 23.80
CA GLY B 18 5.20 -13.08 23.71
C GLY B 18 4.78 -13.59 25.09
N PRO B 19 5.70 -14.20 25.85
CA PRO B 19 5.34 -14.71 27.18
C PRO B 19 4.76 -13.60 28.06
N ASP B 20 5.37 -12.42 27.96
CA ASP B 20 4.96 -11.25 28.74
C ASP B 20 3.49 -10.92 28.50
N LEU B 21 3.11 -10.89 27.23
CA LEU B 21 1.74 -10.57 26.81
C LEU B 21 0.72 -11.56 27.35
N VAL B 22 1.09 -12.84 27.35
CA VAL B 22 0.22 -13.89 27.86
C VAL B 22 0.03 -13.76 29.37
N VAL B 23 1.10 -13.45 30.10
CA VAL B 23 0.98 -13.27 31.54
C VAL B 23 0.15 -12.03 31.84
N GLN B 24 0.30 -11.02 31.00
CA GLN B 24 -0.46 -9.81 31.18
C GLN B 24 -1.94 -10.05 30.93
N LEU B 25 -2.27 -10.78 29.88
CA LEU B 25 -3.69 -11.04 29.61
C LEU B 25 -4.29 -12.06 30.58
N ALA B 26 -3.43 -12.80 31.28
CA ALA B 26 -3.92 -13.80 32.25
C ALA B 26 -4.34 -13.08 33.53
N GLN B 27 -4.14 -11.77 33.59
CA GLN B 27 -4.49 -11.05 34.79
C GLN B 27 -5.99 -10.86 34.96
N ARG B 28 -6.76 -11.30 33.97
CA ARG B 28 -8.22 -11.20 34.06
C ARG B 28 -8.81 -12.57 33.83
N ALA B 29 -10.07 -12.71 34.20
CA ALA B 29 -10.78 -13.96 34.04
C ALA B 29 -11.37 -14.02 32.63
N TRP B 30 -11.66 -15.23 32.15
CA TRP B 30 -12.23 -15.41 30.82
C TRP B 30 -13.36 -16.43 30.83
N PRO B 31 -14.29 -16.30 29.87
CA PRO B 31 -15.44 -17.19 29.74
C PRO B 31 -15.06 -18.59 29.27
N ILE B 32 -13.83 -18.72 28.79
CA ILE B 32 -13.33 -20.01 28.33
C ILE B 32 -12.06 -20.32 29.08
N GLU B 33 -11.59 -21.56 28.92
CA GLU B 33 -10.38 -21.99 29.56
C GLU B 33 -9.20 -21.65 28.64
N LEU B 34 -8.18 -20.99 29.21
CA LEU B 34 -7.00 -20.61 28.45
C LEU B 34 -5.88 -21.60 28.66
N VAL B 35 -5.72 -22.51 27.71
CA VAL B 35 -4.67 -23.51 27.78
C VAL B 35 -3.43 -22.98 27.08
N VAL B 36 -2.41 -22.65 27.86
CA VAL B 36 -1.18 -22.12 27.29
C VAL B 36 -0.13 -23.19 27.04
N CYS B 37 0.20 -23.40 25.77
CA CYS B 37 1.21 -24.38 25.43
C CYS B 37 2.58 -23.73 25.39
N ALA B 38 3.33 -23.87 26.47
CA ALA B 38 4.66 -23.29 26.56
C ALA B 38 5.44 -23.84 27.74
N ASP B 39 6.54 -23.16 28.10
CA ASP B 39 7.36 -23.58 29.22
C ASP B 39 6.86 -22.90 30.50
N GLY B 40 6.38 -23.71 31.45
CA GLY B 40 5.86 -23.17 32.69
C GLY B 40 6.80 -22.22 33.42
N ALA B 41 8.07 -22.62 33.54
CA ALA B 41 9.05 -21.79 34.24
C ALA B 41 9.31 -20.50 33.48
N LEU B 42 9.04 -20.52 32.19
CA LEU B 42 9.21 -19.34 31.35
C LEU B 42 8.16 -18.30 31.72
N LEU B 43 6.93 -18.76 31.96
CA LEU B 43 5.81 -17.88 32.32
C LEU B 43 5.90 -17.32 33.73
N THR B 44 6.40 -18.12 34.65
CA THR B 44 6.53 -17.69 36.03
C THR B 44 7.64 -16.67 36.20
N GLU B 45 8.74 -16.83 35.46
CA GLU B 45 9.83 -15.85 35.59
C GLU B 45 9.37 -14.48 35.07
N ARG B 46 8.75 -14.47 33.89
CA ARG B 46 8.27 -13.22 33.32
C ARG B 46 7.22 -12.59 34.23
N ALA B 47 6.37 -13.43 34.82
CA ALA B 47 5.35 -12.92 35.70
C ALA B 47 6.00 -12.15 36.85
N ALA B 48 7.05 -12.74 37.43
CA ALA B 48 7.77 -12.12 38.55
C ALA B 48 8.39 -10.77 38.17
N LEU B 50 7.66 -8.81 35.85
CA LEU B 50 6.63 -7.81 35.57
C LEU B 50 5.88 -7.46 36.84
N GLY B 51 6.21 -8.14 37.94
CA GLY B 51 5.53 -7.86 39.19
C GLY B 51 4.07 -8.26 39.09
N LEU B 52 3.84 -9.32 38.33
CA LEU B 52 2.49 -9.83 38.12
C LEU B 52 2.33 -11.21 38.72
N PRO B 53 1.26 -11.42 39.50
CA PRO B 53 1.02 -12.71 40.10
C PRO B 53 0.55 -13.69 39.01
N LEU B 54 0.93 -14.96 39.13
CA LEU B 54 0.52 -15.96 38.15
C LEU B 54 0.53 -17.39 38.70
N SER B 55 -0.59 -18.09 38.52
CA SER B 55 -0.71 -19.47 38.95
C SER B 55 -1.08 -20.33 37.74
N LEU B 56 -0.42 -21.47 37.61
CA LEU B 56 -0.66 -22.37 36.49
C LEU B 56 -1.41 -23.62 36.93
N LEU B 57 -2.48 -23.96 36.22
CA LEU B 57 -3.30 -25.14 36.50
C LEU B 57 -2.99 -26.22 35.46
N PRO B 58 -2.70 -27.45 35.92
CA PRO B 58 -2.39 -28.56 35.01
C PRO B 58 -3.50 -28.81 34.01
N TYR B 59 -3.13 -29.08 32.77
CA TYR B 59 -4.11 -29.33 31.72
C TYR B 59 -4.41 -30.82 31.61
N SER B 60 -5.66 -31.14 31.27
CA SER B 60 -6.05 -32.53 31.09
C SER B 60 -7.35 -32.58 30.29
N PRO B 61 -7.33 -33.28 29.14
CA PRO B 61 -8.51 -33.41 28.27
C PRO B 61 -9.67 -34.10 28.96
N ASP B 62 -9.37 -34.70 30.09
CA ASP B 62 -10.38 -35.41 30.86
C ASP B 62 -11.21 -34.39 31.62
N VAL B 63 -10.62 -33.81 32.66
CA VAL B 63 -11.29 -32.80 33.46
C VAL B 63 -11.88 -31.79 32.47
N PRO B 64 -13.22 -31.68 32.42
CA PRO B 64 -13.91 -30.76 31.51
C PRO B 64 -13.43 -29.31 31.56
N ALA B 65 -13.59 -28.61 30.44
CA ALA B 65 -13.16 -27.23 30.35
C ALA B 65 -13.80 -26.37 31.44
N ALA B 66 -12.99 -25.50 32.03
CA ALA B 66 -13.46 -24.61 33.09
C ALA B 66 -12.93 -23.20 32.85
N PRO B 67 -13.83 -22.21 32.88
CA PRO B 67 -13.45 -20.80 32.69
C PRO B 67 -12.16 -20.49 33.44
N GLN B 68 -11.26 -19.78 32.77
CA GLN B 68 -9.98 -19.45 33.37
C GLN B 68 -10.06 -18.33 34.42
N PRO B 69 -9.66 -18.63 35.67
CA PRO B 69 -9.68 -17.69 36.79
C PRO B 69 -8.65 -16.57 36.58
N ALA B 70 -8.95 -15.38 37.09
CA ALA B 70 -8.03 -14.26 36.94
C ALA B 70 -6.67 -14.64 37.53
N GLY B 71 -5.62 -14.10 36.95
CA GLY B 71 -4.29 -14.39 37.43
C GLY B 71 -3.86 -15.84 37.30
N THR B 72 -4.49 -16.59 36.41
CA THR B 72 -4.14 -18.00 36.23
C THR B 72 -4.27 -18.44 34.78
N LEU B 73 -3.58 -19.53 34.46
CA LEU B 73 -3.63 -20.10 33.11
C LEU B 73 -3.54 -21.61 33.23
N THR B 74 -4.00 -22.33 32.21
CA THR B 74 -3.93 -23.78 32.24
C THR B 74 -2.69 -24.12 31.41
N LEU B 75 -1.74 -24.83 32.00
CA LEU B 75 -0.50 -25.15 31.30
C LEU B 75 -0.45 -26.47 30.53
N LEU B 76 0.07 -26.38 29.30
CA LEU B 76 0.24 -27.55 28.45
C LEU B 76 1.76 -27.54 28.23
N PRO B 77 2.51 -28.05 29.22
CA PRO B 77 3.97 -28.17 29.32
C PRO B 77 4.81 -28.54 28.09
N VAL B 78 5.89 -27.79 27.92
CA VAL B 78 6.86 -27.95 26.85
C VAL B 78 8.05 -27.12 27.35
N SER B 79 9.17 -27.79 27.59
CA SER B 79 10.35 -27.10 28.11
C SER B 79 11.32 -26.55 27.08
N LEU B 80 12.04 -25.50 27.49
CA LEU B 80 13.04 -24.84 26.67
C LEU B 80 14.28 -25.73 26.61
N ARG B 81 15.22 -25.37 25.76
CA ARG B 81 16.43 -26.16 25.65
C ARG B 81 17.61 -25.37 26.21
N ALA B 82 17.31 -24.25 26.87
CA ALA B 82 18.32 -23.40 27.47
C ALA B 82 17.61 -22.19 28.06
N PRO B 83 18.16 -21.63 29.14
CA PRO B 83 17.53 -20.47 29.77
C PRO B 83 17.15 -19.38 28.76
N ALA B 84 15.98 -18.77 28.96
CA ALA B 84 15.54 -17.71 28.07
C ALA B 84 15.78 -16.38 28.76
N ILE B 85 16.61 -15.56 28.13
CA ILE B 85 16.93 -14.22 28.65
C ILE B 85 16.06 -13.21 27.90
N SER B 86 15.32 -12.40 28.66
CA SER B 86 14.46 -11.39 28.07
C SER B 86 15.16 -10.61 26.95
N GLY B 87 14.57 -10.66 25.74
CA GLY B 87 15.12 -9.95 24.60
C GLY B 87 16.43 -10.46 24.03
N GLN B 88 16.76 -11.71 24.33
CA GLN B 88 18.01 -12.30 23.87
C GLN B 88 17.72 -13.57 23.07
N LEU B 89 17.57 -13.41 21.75
CA LEU B 89 17.29 -14.53 20.87
C LEU B 89 18.39 -15.57 20.98
N THR B 90 18.01 -16.82 20.77
CA THR B 90 18.98 -17.90 20.81
C THR B 90 18.46 -19.08 20.00
N VAL B 91 19.27 -19.52 19.07
CA VAL B 91 18.92 -20.61 18.19
C VAL B 91 18.63 -21.90 18.96
N GLU B 92 18.99 -21.92 20.24
CA GLU B 92 18.77 -23.12 21.05
C GLU B 92 17.31 -23.47 21.32
N ASN B 93 16.52 -22.45 21.61
CA ASN B 93 15.10 -22.65 21.90
C ASN B 93 14.26 -22.69 20.64
N GLY B 94 14.91 -22.55 19.49
CA GLY B 94 14.20 -22.59 18.22
C GLY B 94 13.24 -23.76 18.13
N PRO B 95 13.72 -25.00 18.29
CA PRO B 95 12.88 -26.21 18.23
C PRO B 95 11.73 -26.17 19.24
N TYR B 96 11.97 -25.48 20.34
CA TYR B 96 10.97 -25.34 21.38
C TYR B 96 9.73 -24.66 20.80
N VAL B 97 9.93 -23.49 20.22
CA VAL B 97 8.86 -22.73 19.59
C VAL B 97 8.02 -23.59 18.67
N VAL B 98 8.70 -24.23 17.72
CA VAL B 98 8.04 -25.09 16.75
C VAL B 98 7.34 -26.27 17.42
N GLU B 99 7.87 -26.67 18.57
CA GLU B 99 7.28 -27.79 19.30
C GLU B 99 5.92 -27.38 19.87
N THR B 100 5.86 -26.19 20.47
CA THR B 100 4.61 -25.69 21.04
C THR B 100 3.57 -25.51 19.96
N LEU B 101 4.01 -25.07 18.79
CA LEU B 101 3.12 -24.85 17.65
C LEU B 101 2.53 -26.17 17.17
N ALA B 102 3.35 -27.22 17.25
CA ALA B 102 2.94 -28.57 16.83
C ALA B 102 1.84 -29.10 17.75
N ARG B 103 2.14 -29.16 19.04
CA ARG B 103 1.17 -29.65 20.01
C ARG B 103 -0.09 -28.79 19.95
N ALA B 104 0.09 -27.48 19.89
CA ALA B 104 -1.05 -26.57 19.82
C ALA B 104 -1.90 -26.87 18.59
N CYS B 105 -1.25 -27.07 17.45
CA CYS B 105 -1.97 -27.36 16.22
C CYS B 105 -2.68 -28.70 16.34
N ASP B 106 -1.95 -29.70 16.83
CA ASP B 106 -2.51 -31.05 17.00
C ASP B 106 -3.75 -30.99 17.89
N GLY B 107 -3.64 -30.32 19.05
CA GLY B 107 -4.79 -30.23 19.94
C GLY B 107 -6.03 -29.68 19.25
N CYS B 108 -5.83 -28.70 18.36
CA CYS B 108 -6.95 -28.09 17.65
C CYS B 108 -7.48 -29.04 16.60
N LEU B 109 -6.59 -29.89 16.10
CA LEU B 109 -6.94 -30.88 15.10
C LEU B 109 -7.63 -32.07 15.78
N ASN B 110 -7.54 -32.17 17.11
CA ASN B 110 -8.16 -33.26 17.86
C ASN B 110 -9.42 -32.82 18.58
N GLY B 111 -9.84 -31.59 18.34
CA GLY B 111 -11.03 -31.09 18.98
C GLY B 111 -10.93 -30.74 20.45
N GLU B 112 -9.78 -31.00 21.07
CA GLU B 112 -9.65 -30.66 22.48
C GLU B 112 -9.50 -29.16 22.68
N PHE B 113 -9.32 -28.44 21.57
CA PHE B 113 -9.19 -26.98 21.60
C PHE B 113 -10.08 -26.36 20.52
N ALA B 114 -10.98 -25.47 20.92
CA ALA B 114 -11.90 -24.82 20.00
C ALA B 114 -11.28 -23.72 19.13
N ALA B 115 -10.06 -23.28 19.48
CA ALA B 115 -9.39 -22.23 18.72
C ALA B 115 -7.92 -22.19 19.11
N LEU B 116 -7.14 -21.55 18.26
CA LEU B 116 -5.71 -21.41 18.50
C LEU B 116 -5.35 -19.93 18.33
N ILE B 117 -4.86 -19.29 19.40
CA ILE B 117 -4.46 -17.88 19.34
C ILE B 117 -2.94 -17.86 19.53
N THR B 118 -2.23 -17.38 18.51
CA THR B 118 -0.78 -17.38 18.57
C THR B 118 -0.11 -16.05 18.90
N GLY B 119 0.98 -16.13 19.64
CA GLY B 119 1.75 -14.95 19.99
C GLY B 119 2.80 -14.83 18.91
N PRO B 120 3.65 -13.80 18.96
CA PRO B 120 4.69 -13.59 17.95
C PRO B 120 5.85 -14.57 18.03
N VAL B 121 6.33 -14.99 16.86
CA VAL B 121 7.47 -15.89 16.79
C VAL B 121 8.50 -15.20 15.90
N HIS B 122 9.70 -15.75 15.85
CA HIS B 122 10.76 -15.17 15.06
C HIS B 122 11.20 -16.16 13.99
N LYS B 123 10.85 -15.85 12.75
CA LYS B 123 11.22 -16.70 11.63
C LYS B 123 12.74 -16.83 11.49
N GLY B 124 13.46 -15.83 11.94
CA GLY B 124 14.92 -15.87 11.84
C GLY B 124 15.57 -16.95 12.68
N VAL B 125 15.39 -16.88 13.99
CA VAL B 125 15.97 -17.85 14.91
C VAL B 125 15.60 -19.27 14.53
N ILE B 126 14.38 -19.47 14.06
CA ILE B 126 13.91 -20.79 13.66
C ILE B 126 14.70 -21.31 12.47
N ASN B 127 14.81 -20.47 11.44
CA ASN B 127 15.55 -20.86 10.24
C ASN B 127 17.02 -21.07 10.57
N ASP B 128 17.61 -20.13 11.30
CA ASP B 128 19.00 -20.26 11.67
C ASP B 128 19.24 -21.51 12.51
N ALA B 129 18.17 -22.21 12.88
CA ALA B 129 18.27 -23.42 13.67
C ALA B 129 18.17 -24.62 12.73
N GLY B 130 18.06 -24.34 11.44
CA GLY B 130 17.96 -25.40 10.45
C GLY B 130 16.54 -25.90 10.28
N ILE B 131 15.58 -25.09 10.73
CA ILE B 131 14.18 -25.46 10.63
C ILE B 131 13.48 -24.60 9.58
N SER B 132 12.98 -25.23 8.52
CA SER B 132 12.29 -24.51 7.46
C SER B 132 11.01 -23.90 8.03
N PHE B 133 10.88 -22.58 7.93
CA PHE B 133 9.70 -21.89 8.46
C PHE B 133 9.38 -20.59 7.71
N THR B 134 8.11 -20.38 7.41
CA THR B 134 7.67 -19.17 6.73
C THR B 134 6.88 -18.34 7.75
N GLY B 135 5.92 -18.99 8.41
CA GLY B 135 5.10 -18.32 9.41
C GLY B 135 4.02 -19.28 9.89
N HIS B 136 3.31 -18.93 10.95
CA HIS B 136 2.27 -19.82 11.46
C HIS B 136 1.33 -20.27 10.36
N THR B 137 0.93 -19.33 9.51
CA THR B 137 0.02 -19.62 8.41
C THR B 137 0.40 -20.83 7.57
N GLU B 138 1.64 -20.87 7.10
CA GLU B 138 2.10 -22.01 6.29
C GLU B 138 2.26 -23.23 7.17
N PHE B 139 2.79 -23.03 8.38
CA PHE B 139 3.01 -24.11 9.32
C PHE B 139 1.71 -24.84 9.65
N PHE B 140 0.64 -24.09 9.92
CA PHE B 140 -0.63 -24.71 10.25
C PHE B 140 -1.33 -25.27 9.02
N GLU B 141 -1.13 -24.62 7.88
CA GLU B 141 -1.74 -25.08 6.65
C GLU B 141 -1.14 -26.41 6.23
N GLU B 142 0.15 -26.57 6.49
CA GLU B 142 0.87 -27.78 6.13
C GLU B 142 0.74 -28.90 7.14
N ARG B 143 0.71 -28.56 8.42
CA ARG B 143 0.57 -29.57 9.46
C ARG B 143 -0.85 -30.11 9.51
N SER B 144 -1.80 -29.39 8.95
CA SER B 144 -3.19 -29.87 8.95
C SER B 144 -3.57 -30.19 7.52
N GLN B 145 -2.55 -30.29 6.66
CA GLN B 145 -2.68 -30.59 5.24
C GLN B 145 -3.95 -30.03 4.62
N ALA B 146 -4.16 -28.73 4.77
CA ALA B 146 -5.32 -28.05 4.20
C ALA B 146 -4.96 -27.72 2.76
N LYS B 147 -5.95 -27.73 1.87
CA LYS B 147 -5.67 -27.45 0.46
C LYS B 147 -5.16 -26.03 0.25
N LYS B 148 -5.67 -25.10 1.03
CA LYS B 148 -5.27 -23.72 0.93
C LYS B 148 -5.84 -22.93 2.07
N VAL B 149 -5.03 -22.03 2.62
CA VAL B 149 -5.47 -21.17 3.71
C VAL B 149 -5.23 -19.73 3.28
N VAL B 150 -6.03 -18.81 3.81
CA VAL B 150 -5.92 -17.39 3.48
C VAL B 150 -5.64 -16.50 4.70
N LEU B 153 -6.02 -9.80 7.64
CA LEU B 153 -5.83 -8.87 8.74
C LEU B 153 -7.09 -8.02 8.81
N ALA B 154 -7.66 -7.87 10.00
CA ALA B 154 -8.88 -7.09 10.13
C ALA B 154 -8.87 -6.17 11.35
N THR B 155 -9.26 -4.92 11.15
CA THR B 155 -9.35 -3.96 12.24
C THR B 155 -10.86 -3.76 12.37
N GLU B 156 -11.31 -3.01 13.37
CA GLU B 156 -12.74 -2.83 13.55
C GLU B 156 -13.37 -2.11 12.36
N GLU B 157 -12.55 -1.55 11.48
CA GLU B 157 -13.08 -0.80 10.35
C GLU B 157 -12.78 -1.36 8.95
N LEU B 158 -11.74 -2.18 8.84
CA LEU B 158 -11.38 -2.73 7.53
C LEU B 158 -10.86 -4.16 7.60
N ARG B 159 -11.20 -4.97 6.60
CA ARG B 159 -10.70 -6.34 6.54
C ARG B 159 -9.89 -6.48 5.25
N VAL B 160 -8.65 -6.91 5.37
CA VAL B 160 -7.82 -7.10 4.18
C VAL B 160 -7.19 -8.49 4.12
N ALA B 161 -7.59 -9.27 3.12
CA ALA B 161 -7.05 -10.63 2.92
C ALA B 161 -5.96 -10.58 1.86
N LEU B 162 -5.07 -11.55 1.89
CA LEU B 162 -3.97 -11.61 0.94
C LEU B 162 -3.96 -12.88 0.09
N ALA B 163 -3.58 -12.77 -1.18
CA ALA B 163 -3.49 -13.91 -2.08
C ALA B 163 -2.16 -14.61 -1.78
N THR B 164 -1.16 -13.82 -1.39
CA THR B 164 0.16 -14.34 -1.02
C THR B 164 0.57 -13.71 0.30
N THR B 165 1.32 -14.46 1.11
CA THR B 165 1.76 -13.99 2.43
C THR B 165 3.14 -13.34 2.44
N HIS B 166 4.04 -13.89 3.25
CA HIS B 166 5.37 -13.31 3.38
C HIS B 166 6.40 -13.86 2.39
N LEU B 167 6.22 -13.49 1.12
CA LEU B 167 7.11 -13.92 0.05
C LEU B 167 7.94 -12.76 -0.48
N PRO B 168 9.16 -13.05 -0.96
CA PRO B 168 9.99 -12.00 -1.49
C PRO B 168 9.19 -11.42 -2.64
N LEU B 169 9.31 -10.11 -2.84
CA LEU B 169 8.57 -9.45 -3.90
C LEU B 169 8.72 -10.18 -5.23
N ARG B 170 9.95 -10.56 -5.57
CA ARG B 170 10.21 -11.24 -6.83
C ARG B 170 9.45 -12.56 -7.01
N ALA B 171 8.95 -13.14 -5.93
CA ALA B 171 8.25 -14.42 -6.04
C ALA B 171 6.73 -14.32 -6.22
N ILE B 172 6.18 -13.15 -5.96
CA ILE B 172 4.74 -12.95 -6.05
C ILE B 172 4.12 -13.27 -7.41
N ALA B 173 4.62 -12.64 -8.47
CA ALA B 173 4.09 -12.84 -9.83
C ALA B 173 3.83 -14.29 -10.22
N ASP B 174 4.84 -15.15 -10.09
CA ASP B 174 4.67 -16.57 -10.45
C ASP B 174 3.73 -17.31 -9.53
N ALA B 175 3.65 -16.86 -8.27
CA ALA B 175 2.79 -17.51 -7.30
C ALA B 175 1.31 -17.36 -7.65
N ILE B 176 0.94 -16.20 -8.19
CA ILE B 176 -0.44 -15.94 -8.55
C ILE B 176 -0.93 -16.71 -9.76
N THR B 177 -1.46 -17.89 -9.50
CA THR B 177 -1.96 -18.78 -10.54
C THR B 177 -3.48 -18.86 -10.47
N PRO B 178 -4.12 -19.22 -11.59
CA PRO B 178 -5.58 -19.33 -11.61
C PRO B 178 -6.07 -20.21 -10.45
N ALA B 179 -5.36 -21.30 -10.21
CA ALA B 179 -5.71 -22.23 -9.14
C ALA B 179 -5.71 -21.56 -7.77
N LEU B 180 -4.56 -21.00 -7.40
CA LEU B 180 -4.41 -20.32 -6.13
C LEU B 180 -5.47 -19.24 -5.94
N LEU B 181 -5.59 -18.36 -6.93
CA LEU B 181 -6.55 -17.28 -6.85
C LEU B 181 -7.97 -17.77 -6.68
N HIS B 182 -8.21 -18.99 -7.14
CA HIS B 182 -9.53 -19.59 -7.04
C HIS B 182 -9.77 -20.10 -5.61
N GLU B 183 -8.76 -20.74 -5.04
CA GLU B 183 -8.85 -21.28 -3.70
C GLU B 183 -8.96 -20.14 -2.69
N VAL B 184 -8.18 -19.09 -2.91
CA VAL B 184 -8.18 -17.95 -2.02
C VAL B 184 -9.54 -17.28 -1.94
N ILE B 185 -10.10 -16.94 -3.09
CA ILE B 185 -11.39 -16.28 -3.10
C ILE B 185 -12.51 -17.17 -2.59
N ALA B 186 -12.44 -18.46 -2.90
CA ALA B 186 -13.46 -19.40 -2.46
C ALA B 186 -13.51 -19.45 -0.94
N ILE B 187 -12.36 -19.63 -0.33
CA ILE B 187 -12.22 -19.68 1.13
C ILE B 187 -12.66 -18.37 1.78
N LEU B 188 -12.26 -17.25 1.20
CA LEU B 188 -12.62 -15.94 1.73
C LEU B 188 -14.12 -15.73 1.71
N HIS B 189 -14.72 -15.83 0.53
CA HIS B 189 -16.16 -15.66 0.38
C HIS B 189 -16.93 -16.58 1.33
N HIS B 190 -16.40 -17.76 1.56
CA HIS B 190 -17.04 -18.74 2.44
C HIS B 190 -16.92 -18.38 3.90
N ASP B 191 -15.71 -18.17 4.38
CA ASP B 191 -15.49 -17.82 5.77
C ASP B 191 -16.11 -16.49 6.18
N LEU B 192 -16.35 -15.61 5.21
CA LEU B 192 -16.95 -14.32 5.51
C LEU B 192 -18.43 -14.45 5.80
N ARG B 193 -19.08 -15.40 5.13
CA ARG B 193 -20.49 -15.61 5.33
C ARG B 193 -20.74 -16.53 6.52
N THR B 194 -19.85 -17.49 6.72
CA THR B 194 -20.01 -18.44 7.82
C THR B 194 -19.27 -18.08 9.11
N LYS B 195 -18.00 -17.71 9.00
CA LYS B 195 -17.20 -17.37 10.17
C LYS B 195 -17.33 -15.89 10.59
N PHE B 196 -18.01 -15.10 9.78
CA PHE B 196 -18.18 -13.68 10.07
C PHE B 196 -19.62 -13.23 9.94
N GLY B 197 -20.50 -14.17 9.64
CA GLY B 197 -21.91 -13.86 9.51
C GLY B 197 -22.25 -12.79 8.49
N ILE B 198 -21.69 -12.89 7.29
CA ILE B 198 -22.00 -11.93 6.23
C ILE B 198 -22.68 -12.68 5.09
N ALA B 199 -24.01 -12.55 5.03
CA ALA B 199 -24.81 -13.22 4.01
C ALA B 199 -24.22 -13.11 2.60
N GLU B 200 -24.17 -11.90 2.08
CA GLU B 200 -23.64 -11.64 0.75
C GLU B 200 -22.39 -10.76 0.82
N PRO B 201 -21.23 -11.36 1.09
CA PRO B 201 -20.00 -10.59 1.18
C PRO B 201 -19.59 -9.94 -0.14
N ARG B 202 -19.31 -8.63 -0.07
CA ARG B 202 -18.90 -7.84 -1.23
C ARG B 202 -17.39 -7.63 -1.09
N ILE B 203 -16.63 -8.34 -1.94
CA ILE B 203 -15.18 -8.32 -1.92
C ILE B 203 -14.52 -7.45 -3.00
N LEU B 204 -13.69 -6.52 -2.57
CA LEU B 204 -12.98 -5.64 -3.48
C LEU B 204 -11.65 -6.33 -3.78
N VAL B 205 -11.43 -6.67 -5.05
CA VAL B 205 -10.21 -7.36 -5.45
C VAL B 205 -9.17 -6.47 -6.13
N CYS B 206 -7.94 -6.55 -5.64
CA CYS B 206 -6.82 -5.78 -6.19
C CYS B 206 -6.24 -6.53 -7.38
N GLY B 207 -5.73 -5.77 -8.34
CA GLY B 207 -5.08 -6.38 -9.48
C GLY B 207 -3.66 -6.61 -8.98
N LEU B 208 -2.85 -7.37 -9.72
CA LEU B 208 -1.46 -7.65 -9.34
C LEU B 208 -0.56 -6.47 -9.66
N ASN B 209 -0.77 -5.91 -10.84
CA ASN B 209 0.01 -4.80 -11.35
C ASN B 209 -0.64 -3.45 -11.08
N PRO B 210 0.14 -2.36 -11.11
CA PRO B 210 -0.50 -1.06 -10.86
C PRO B 210 -1.60 -0.84 -11.89
N HIS B 211 -2.65 -0.11 -11.52
CA HIS B 211 -3.78 0.15 -12.41
C HIS B 211 -4.33 -1.16 -12.95
N ALA B 212 -4.07 -2.24 -12.24
CA ALA B 212 -4.52 -3.57 -12.61
C ALA B 212 -4.09 -3.99 -14.03
N GLY B 213 -2.82 -3.73 -14.35
CA GLY B 213 -2.26 -4.11 -15.64
C GLY B 213 -2.61 -3.21 -16.81
N GLU B 214 -3.70 -2.46 -16.64
CA GLU B 214 -4.19 -1.56 -17.67
C GLU B 214 -4.19 -2.16 -19.08
N GLY B 215 -4.87 -3.29 -19.23
CA GLY B 215 -4.99 -3.95 -20.51
C GLY B 215 -3.72 -4.50 -21.11
N GLY B 216 -2.68 -4.65 -20.30
CA GLY B 216 -1.42 -5.18 -20.82
C GLY B 216 -0.31 -4.16 -20.84
N HIS B 217 -0.67 -2.89 -20.69
CA HIS B 217 0.31 -1.80 -20.69
C HIS B 217 1.23 -1.87 -19.48
N GLY B 219 1.41 -4.99 -17.48
CA GLY B 219 1.36 -6.36 -17.03
C GLY B 219 0.19 -7.09 -17.65
N THR B 220 0.32 -8.39 -17.84
CA THR B 220 -0.73 -9.20 -18.46
C THR B 220 -1.41 -10.19 -17.50
N GLU B 221 -0.90 -10.31 -16.27
CA GLU B 221 -1.47 -11.24 -15.30
C GLU B 221 -2.97 -11.06 -15.05
N GLU B 222 -3.45 -9.84 -15.14
CA GLU B 222 -4.88 -9.60 -14.95
C GLU B 222 -5.65 -10.38 -16.03
N ILE B 223 -5.17 -10.31 -17.26
CA ILE B 223 -5.80 -10.99 -18.40
C ILE B 223 -5.60 -12.51 -18.39
N ASP B 224 -4.37 -12.93 -18.07
CA ASP B 224 -4.03 -14.34 -18.06
C ASP B 224 -4.55 -15.09 -16.85
N THR B 225 -4.74 -14.41 -15.73
CA THR B 225 -5.19 -15.10 -14.53
C THR B 225 -6.32 -14.43 -13.77
N ILE B 226 -6.05 -13.26 -13.19
CA ILE B 226 -7.04 -12.56 -12.39
C ILE B 226 -8.46 -12.39 -12.95
N ILE B 227 -8.60 -11.64 -14.05
CA ILE B 227 -9.92 -11.42 -14.65
C ILE B 227 -10.69 -12.70 -14.95
N PRO B 228 -10.03 -13.69 -15.57
CA PRO B 228 -10.72 -14.95 -15.87
C PRO B 228 -11.36 -15.58 -14.63
N VAL B 229 -10.62 -15.59 -13.53
CA VAL B 229 -11.09 -16.18 -12.27
C VAL B 229 -12.27 -15.40 -11.69
N LEU B 230 -12.12 -14.07 -11.61
CA LEU B 230 -13.16 -13.24 -11.06
C LEU B 230 -14.46 -13.35 -11.82
N ASP B 231 -14.37 -13.59 -13.12
CA ASP B 231 -15.57 -13.71 -13.94
C ASP B 231 -16.23 -15.06 -13.71
N GLU B 232 -15.42 -16.10 -13.54
CA GLU B 232 -15.97 -17.42 -13.30
C GLU B 232 -16.77 -17.41 -12.00
N LEU B 233 -16.14 -16.91 -10.93
CA LEU B 233 -16.75 -16.84 -9.60
C LEU B 233 -17.94 -15.87 -9.52
N ARG B 234 -17.90 -14.82 -10.33
CA ARG B 234 -18.99 -13.86 -10.37
C ARG B 234 -20.20 -14.56 -10.95
N ALA B 235 -19.94 -15.39 -11.95
CA ALA B 235 -20.99 -16.16 -12.62
C ALA B 235 -21.68 -17.07 -11.62
N GLN B 236 -20.98 -17.34 -10.53
CA GLN B 236 -21.51 -18.21 -9.49
C GLN B 236 -22.25 -17.40 -8.43
N GLY B 237 -22.46 -16.12 -8.70
CA GLY B 237 -23.18 -15.28 -7.77
C GLY B 237 -22.28 -14.46 -6.87
N LYS B 239 -20.13 -11.75 -5.40
CA LYS B 239 -20.02 -10.33 -5.66
C LYS B 239 -18.56 -9.91 -5.55
N LEU B 240 -17.87 -9.91 -6.67
CA LEU B 240 -16.47 -9.53 -6.69
C LEU B 240 -16.31 -8.29 -7.57
N ASN B 241 -15.67 -7.26 -7.03
CA ASN B 241 -15.46 -6.04 -7.79
C ASN B 241 -13.97 -5.87 -8.04
N GLY B 242 -13.56 -6.11 -9.29
CA GLY B 242 -12.16 -6.00 -9.65
C GLY B 242 -11.80 -6.89 -10.83
N PRO B 243 -10.51 -7.02 -11.17
CA PRO B 243 -9.39 -6.35 -10.48
C PRO B 243 -9.37 -4.84 -10.63
N LEU B 244 -9.15 -4.14 -9.52
CA LEU B 244 -9.09 -2.67 -9.53
C LEU B 244 -7.71 -2.20 -9.13
N PRO B 245 -7.37 -0.95 -9.49
CA PRO B 245 -6.06 -0.39 -9.13
C PRO B 245 -6.06 -0.32 -7.60
N ALA B 246 -5.00 -0.79 -6.96
CA ALA B 246 -4.92 -0.77 -5.50
C ALA B 246 -5.06 0.66 -4.95
N ASP B 247 -4.42 1.63 -5.60
CA ASP B 247 -4.49 2.99 -5.12
C ASP B 247 -5.80 3.71 -5.48
N THR B 248 -6.74 2.97 -6.05
CA THR B 248 -8.04 3.53 -6.39
C THR B 248 -9.11 2.95 -5.46
N LEU B 249 -9.07 1.63 -5.29
CA LEU B 249 -10.04 0.96 -4.44
C LEU B 249 -9.82 1.23 -2.95
N PHE B 250 -8.61 1.61 -2.57
CA PHE B 250 -8.35 1.90 -1.17
C PHE B 250 -8.78 3.31 -0.79
N GLN B 251 -10.01 3.66 -1.17
CA GLN B 251 -10.57 4.96 -0.83
C GLN B 251 -11.88 4.73 -0.11
N PRO B 252 -12.20 5.60 0.84
CA PRO B 252 -13.43 5.50 1.62
C PRO B 252 -14.67 5.20 0.76
N LYS B 253 -14.75 5.84 -0.40
CA LYS B 253 -15.89 5.64 -1.30
C LYS B 253 -16.04 4.19 -1.78
N TYR B 254 -14.94 3.47 -1.90
CA TYR B 254 -14.97 2.09 -2.34
C TYR B 254 -15.10 1.13 -1.17
N LEU B 255 -14.28 1.37 -0.16
CA LEU B 255 -14.25 0.55 1.04
C LEU B 255 -15.60 0.51 1.77
N ASP B 256 -16.29 1.64 1.82
CA ASP B 256 -17.57 1.73 2.51
C ASP B 256 -18.69 0.92 1.87
N ASN B 257 -18.40 0.24 0.77
CA ASN B 257 -19.42 -0.55 0.10
C ASN B 257 -18.92 -1.95 -0.15
N ALA B 258 -18.09 -2.44 0.76
CA ALA B 258 -17.51 -3.77 0.64
C ALA B 258 -17.22 -4.32 2.02
N ASP B 259 -17.26 -5.64 2.16
CA ASP B 259 -17.02 -6.26 3.45
C ASP B 259 -15.55 -6.60 3.69
N ALA B 260 -14.82 -6.84 2.61
CA ALA B 260 -13.40 -7.14 2.72
C ALA B 260 -12.69 -6.77 1.44
N VAL B 261 -11.38 -6.63 1.53
CA VAL B 261 -10.57 -6.32 0.38
C VAL B 261 -9.60 -7.47 0.19
N LEU B 262 -9.37 -7.88 -1.04
CA LEU B 262 -8.41 -8.95 -1.30
C LEU B 262 -7.24 -8.37 -2.09
N ALA B 263 -6.07 -8.30 -1.46
CA ALA B 263 -4.87 -7.79 -2.10
C ALA B 263 -4.09 -8.98 -2.64
N TYR B 265 -0.81 -9.19 -2.78
CA TYR B 265 0.36 -9.44 -1.95
C TYR B 265 0.43 -8.57 -0.69
N HIS B 266 1.31 -8.96 0.22
CA HIS B 266 1.51 -8.30 1.51
C HIS B 266 1.49 -6.77 1.60
N ASP B 267 2.49 -6.11 1.01
CA ASP B 267 2.58 -4.65 1.07
C ASP B 267 1.61 -3.89 0.20
N GLN B 268 0.72 -4.59 -0.48
CA GLN B 268 -0.26 -3.94 -1.34
C GLN B 268 -1.51 -3.61 -0.53
N GLY B 269 -1.85 -4.46 0.44
CA GLY B 269 -3.04 -4.22 1.23
C GLY B 269 -2.87 -3.90 2.70
N LEU B 270 -1.71 -4.22 3.27
CA LEU B 270 -1.49 -3.98 4.70
C LEU B 270 -1.16 -2.54 5.10
N PRO B 271 -0.38 -1.80 4.28
CA PRO B 271 -0.04 -0.42 4.64
C PRO B 271 -1.29 0.42 4.96
N VAL B 272 -2.32 0.33 4.13
CA VAL B 272 -3.54 1.09 4.40
C VAL B 272 -4.20 0.58 5.67
N LEU B 273 -4.26 -0.74 5.84
CA LEU B 273 -4.88 -1.32 7.01
C LEU B 273 -4.18 -0.85 8.27
N LYS B 274 -2.86 -0.85 8.24
CA LYS B 274 -2.05 -0.43 9.38
C LYS B 274 -2.13 1.09 9.58
N TYR B 275 -2.20 1.84 8.49
CA TYR B 275 -2.28 3.29 8.56
C TYR B 275 -3.52 3.76 9.35
N GLN B 276 -4.54 2.91 9.42
CA GLN B 276 -5.77 3.24 10.14
C GLN B 276 -6.24 2.13 11.10
N GLY B 277 -5.33 1.26 11.53
CA GLY B 277 -5.70 0.16 12.42
C GLY B 277 -5.50 0.42 13.91
N PHE B 278 -4.60 1.34 14.24
CA PHE B 278 -4.30 1.69 15.61
C PHE B 278 -3.75 0.53 16.44
N GLY B 279 -2.86 -0.24 15.81
CA GLY B 279 -2.22 -1.36 16.46
C GLY B 279 -3.19 -2.24 17.22
N ARG B 280 -4.32 -2.52 16.59
CA ARG B 280 -5.32 -3.33 17.24
C ARG B 280 -5.84 -4.34 16.24
N GLY B 281 -5.10 -4.46 15.13
CA GLY B 281 -5.46 -5.40 14.10
C GLY B 281 -5.20 -6.82 14.54
N VAL B 282 -5.93 -7.75 13.93
CA VAL B 282 -5.80 -9.15 14.26
C VAL B 282 -5.48 -9.94 13.00
N ASN B 283 -4.52 -10.86 13.09
CA ASN B 283 -4.18 -11.70 11.97
C ASN B 283 -5.06 -12.93 12.11
N ILE B 284 -5.94 -13.14 11.13
CA ILE B 284 -6.85 -14.28 11.15
C ILE B 284 -6.50 -15.22 10.01
N THR B 285 -6.40 -16.53 10.29
CA THR B 285 -6.10 -17.49 9.23
C THR B 285 -7.40 -18.18 8.83
N LEU B 286 -7.76 -18.05 7.55
CA LEU B 286 -8.99 -18.67 7.07
C LEU B 286 -8.67 -19.97 6.32
N GLY B 287 -9.63 -20.87 6.29
CA GLY B 287 -9.44 -22.12 5.56
C GLY B 287 -8.87 -23.27 6.36
N LEU B 288 -8.58 -23.05 7.63
CA LEU B 288 -8.06 -24.12 8.46
C LEU B 288 -9.24 -24.89 9.04
N PRO B 289 -9.01 -26.16 9.44
CA PRO B 289 -10.05 -27.01 10.02
C PRO B 289 -10.56 -26.44 11.35
N PHE B 290 -9.73 -25.57 11.93
CA PHE B 290 -10.01 -24.94 13.22
C PHE B 290 -9.80 -23.43 13.17
N ILE B 291 -10.35 -22.74 14.16
CA ILE B 291 -10.23 -21.28 14.26
C ILE B 291 -8.82 -20.90 14.71
N ARG B 292 -8.24 -19.91 14.06
CA ARG B 292 -6.92 -19.46 14.45
C ARG B 292 -6.77 -17.97 14.21
N THR B 293 -6.46 -17.25 15.28
CA THR B 293 -6.27 -15.81 15.20
C THR B 293 -4.90 -15.54 15.78
N SER B 294 -4.45 -14.30 15.70
CA SER B 294 -3.16 -13.97 16.26
C SER B 294 -2.82 -12.49 16.14
N VAL B 295 -1.74 -12.09 16.80
CA VAL B 295 -1.28 -10.71 16.75
C VAL B 295 -0.64 -10.53 15.38
N ASP B 296 -0.30 -9.29 15.01
CA ASP B 296 0.38 -9.12 13.75
C ASP B 296 1.63 -8.27 13.93
N HIS B 297 2.09 -8.14 15.16
CA HIS B 297 3.31 -7.39 15.44
C HIS B 297 4.46 -8.38 15.66
N GLY B 298 5.68 -7.88 15.75
CA GLY B 298 6.81 -8.78 15.95
C GLY B 298 7.00 -9.25 17.39
N THR B 299 8.12 -9.93 17.65
CA THR B 299 8.45 -10.45 18.97
C THR B 299 8.88 -9.36 19.98
N ALA B 300 9.12 -8.14 19.49
CA ALA B 300 9.54 -7.01 20.32
C ALA B 300 10.56 -7.39 21.39
N LEU B 301 11.64 -8.04 20.96
CA LEU B 301 12.71 -8.50 21.83
C LEU B 301 13.17 -7.47 22.85
N GLU B 302 13.49 -6.27 22.37
CA GLU B 302 13.95 -5.21 23.23
C GLU B 302 12.88 -4.67 24.17
N LEU B 303 11.77 -5.40 24.29
CA LEU B 303 10.68 -5.01 25.18
C LEU B 303 10.41 -6.08 26.25
N ALA B 304 10.91 -7.30 25.99
CA ALA B 304 10.78 -8.45 26.90
C ALA B 304 11.42 -8.16 28.25
N GLY B 305 10.82 -8.69 29.33
CA GLY B 305 11.38 -8.46 30.65
C GLY B 305 10.73 -7.27 31.31
N ARG B 306 10.65 -6.16 30.58
CA ARG B 306 10.01 -4.95 31.10
C ARG B 306 8.61 -4.89 30.52
N GLY B 307 7.60 -4.78 31.39
CA GLY B 307 6.23 -4.72 30.88
C GLY B 307 6.00 -3.50 30.01
N LYS B 308 6.54 -3.51 28.79
CA LYS B 308 6.40 -2.41 27.85
C LYS B 308 5.58 -2.74 26.61
N ALA B 309 5.51 -4.02 26.27
CA ALA B 309 4.74 -4.46 25.11
C ALA B 309 3.25 -4.23 25.37
N ASP B 310 2.53 -3.87 24.32
CA ASP B 310 1.10 -3.61 24.39
C ASP B 310 0.31 -4.86 24.07
N VAL B 311 -0.44 -5.32 25.05
CA VAL B 311 -1.24 -6.53 24.93
C VAL B 311 -2.53 -6.25 24.12
N GLY B 312 -2.69 -5.02 23.66
CA GLY B 312 -3.87 -4.65 22.90
C GLY B 312 -4.21 -5.60 21.76
N SER B 313 -3.24 -5.89 20.89
CA SER B 313 -3.48 -6.78 19.78
C SER B 313 -3.81 -8.21 20.25
N PHE B 314 -3.05 -8.72 21.22
CA PHE B 314 -3.25 -10.06 21.76
C PHE B 314 -4.65 -10.24 22.34
N ILE B 315 -5.11 -9.22 23.07
CA ILE B 315 -6.43 -9.22 23.71
C ILE B 315 -7.50 -9.28 22.63
N THR B 316 -7.35 -8.43 21.62
CA THR B 316 -8.29 -8.35 20.52
C THR B 316 -8.32 -9.67 19.75
N ALA B 317 -7.15 -10.27 19.54
CA ALA B 317 -7.10 -11.54 18.83
C ALA B 317 -7.81 -12.64 19.63
N LEU B 318 -7.64 -12.61 20.95
CA LEU B 318 -8.28 -13.60 21.80
C LEU B 318 -9.80 -13.39 21.82
N ASN B 319 -10.23 -12.14 21.94
CA ASN B 319 -11.65 -11.81 21.96
C ASN B 319 -12.33 -12.22 20.66
N LEU B 320 -11.64 -11.98 19.55
CA LEU B 320 -12.14 -12.32 18.22
C LEU B 320 -12.26 -13.83 18.07
N ALA B 321 -11.25 -14.56 18.53
CA ALA B 321 -11.29 -16.01 18.43
C ALA B 321 -12.47 -16.55 19.24
N ILE B 322 -12.77 -15.87 20.35
CA ILE B 322 -13.87 -16.25 21.23
C ILE B 322 -15.24 -16.03 20.55
N LYS B 323 -15.36 -14.91 19.85
CA LYS B 323 -16.60 -14.62 19.15
C LYS B 323 -16.83 -15.67 18.08
N ILE B 325 -15.88 -18.62 18.03
CA ILE B 325 -16.22 -19.87 18.67
C ILE B 325 -17.71 -19.85 19.00
N VAL B 326 -18.21 -18.68 19.41
CA VAL B 326 -19.64 -18.58 19.74
C VAL B 326 -20.46 -18.85 18.49
N ASN B 327 -19.86 -18.65 17.33
CA ASN B 327 -20.53 -18.91 16.06
C ASN B 327 -20.27 -20.39 15.78
N THR B 328 -20.29 -21.19 16.85
CA THR B 328 -20.03 -22.62 16.79
C THR B 328 -18.80 -22.97 15.92
#